data_8FX6
#
_entry.id   8FX6
#
_cell.length_a   104.719
_cell.length_b   105.084
_cell.length_c   108.366
_cell.angle_alpha   90.000
_cell.angle_beta   90.000
_cell.angle_gamma   90.000
#
_symmetry.space_group_name_H-M   'P 21 21 21'
#
loop_
_entity.id
_entity.type
_entity.pdbx_description
1 polymer 'PCP-C didomain'
2 non-polymer N-[2-({N-[(2R)-2-hydroxy-3,3-dimethyl-4-(phosphonooxy)butanoyl]-beta-alanyl}amino)ethyl]-L-leucinamide
3 water water
#
_entity_poly.entity_id   1
_entity_poly.type   'polypeptide(L)'
_entity_poly.pdbx_seq_one_letter_code
;VTAYEEIVCQVFAAVLDRSDVTADADFFALGGHSLLSLRVVARLRALLGVDVGVRDLFEAPTPAALAARLTTQTGRRPAV
TRRGPDAPPVLSHFQRRLWLIEQVYQTRGAYNVPLAVHVSDRLDLDVLRAAVRDLVARHEVLRTLVRSSDDGPDPVLLAP
EDAAVDVAEVQAAGPVADLLAELTAQPFDLATQIPLRVRMITGEQVDGCVLLLVCHHIAADEWSFAPLLRDLDTAYRARA
AGRAPDWEPLPAQYSDYAATLHDWLGEATDPASPLRRQLDYWQHALQDLPDELDLPTDRPRPATASHRGGLARAELPPEL
VEAVRRLAAQHGVTVFMVVQAAVAVLLHRLGAGDDIPLGSPVADRADEAVHDTVGFFLNTLVLRVNLSGNPTFADLLDRV
RAVDLEAFARADAPFDAVVDTVKPPRAVSRHPLFQTMVSYQRRPSDVDRLFGAATRLVEVPLDTAKFDLEFAFIEDGHGG
AHIALNYAADLFDHDSAEQLVARLRTVLEHACADPCRPVA
;
_entity_poly.pdbx_strand_id   A,B
#
loop_
_chem_comp.id
_chem_comp.type
_chem_comp.name
_chem_comp.formula
YCK non-polymer N-[2-({N-[(2R)-2-hydroxy-3,3-dimethyl-4-(phosphonooxy)butanoyl]-beta-alanyl}amino)ethyl]-L-leucinamide 'C17 H35 N4 O8 P'
#
# COMPACT_ATOMS: atom_id res chain seq x y z
N VAL A 1 6.53 15.76 3.69
CA VAL A 1 5.49 16.11 2.74
C VAL A 1 4.65 17.27 3.27
N THR A 2 4.27 18.17 2.38
CA THR A 2 3.49 19.35 2.72
C THR A 2 2.08 19.31 2.16
N ALA A 3 1.78 18.38 1.25
CA ALA A 3 0.47 18.34 0.61
C ALA A 3 -0.64 18.09 1.63
N TYR A 4 -0.38 17.22 2.62
CA TYR A 4 -1.38 16.95 3.65
C TYR A 4 -1.74 18.21 4.41
N GLU A 5 -0.72 18.98 4.81
CA GLU A 5 -0.96 20.22 5.54
C GLU A 5 -1.78 21.20 4.71
N GLU A 6 -1.48 21.30 3.41
CA GLU A 6 -2.21 22.24 2.57
C GLU A 6 -3.66 21.80 2.38
N ILE A 7 -3.89 20.49 2.23
CA ILE A 7 -5.26 19.99 2.05
C ILE A 7 -6.08 20.27 3.30
N VAL A 8 -5.52 19.97 4.48
CA VAL A 8 -6.23 20.26 5.73
C VAL A 8 -6.50 21.75 5.86
N CYS A 9 -5.58 22.58 5.37
CA CYS A 9 -5.78 24.02 5.44
C CYS A 9 -6.99 24.46 4.63
N GLN A 10 -7.11 23.97 3.39
CA GLN A 10 -8.22 24.40 2.55
C GLN A 10 -9.54 23.77 3.00
N VAL A 11 -9.49 22.61 3.65
CA VAL A 11 -10.70 22.05 4.25
C VAL A 11 -11.14 22.90 5.44
N PHE A 12 -10.18 23.32 6.28
CA PHE A 12 -10.49 24.29 7.32
C PHE A 12 -11.11 25.56 6.73
N ALA A 13 -10.47 26.10 5.69
CA ALA A 13 -10.96 27.33 5.08
C ALA A 13 -12.37 27.16 4.53
N ALA A 14 -12.63 26.04 3.85
CA ALA A 14 -13.95 25.83 3.26
C ALA A 14 -15.01 25.65 4.34
N VAL A 15 -14.73 24.83 5.35
CA VAL A 15 -15.73 24.52 6.37
C VAL A 15 -16.00 25.75 7.23
N LEU A 16 -14.96 26.48 7.61
CA LEU A 16 -15.12 27.68 8.43
C LEU A 16 -15.59 28.89 7.62
N ASP A 17 -15.59 28.80 6.29
CA ASP A 17 -15.84 29.95 5.41
C ASP A 17 -14.93 31.11 5.81
N ARG A 18 -13.63 30.84 5.75
CA ARG A 18 -12.62 31.69 6.35
C ARG A 18 -11.36 31.63 5.50
N SER A 19 -10.67 32.77 5.36
CA SER A 19 -9.56 32.89 4.42
C SER A 19 -8.28 33.36 5.09
N ASP A 20 -8.04 32.95 6.33
CA ASP A 20 -6.78 33.27 7.01
C ASP A 20 -6.29 32.06 7.79
N VAL A 21 -6.49 30.86 7.23
CA VAL A 21 -6.14 29.62 7.92
C VAL A 21 -4.64 29.37 7.75
N THR A 22 -3.89 29.47 8.84
CA THR A 22 -2.48 29.14 8.86
C THR A 22 -2.28 27.71 9.37
N ALA A 23 -1.02 27.26 9.31
CA ALA A 23 -0.72 25.87 9.67
C ALA A 23 -0.82 25.63 11.16
N ASP A 24 -0.62 26.66 11.98
CA ASP A 24 -0.63 26.50 13.43
C ASP A 24 -1.91 27.05 14.08
N ALA A 25 -2.91 27.39 13.27
CA ALA A 25 -4.16 27.91 13.80
C ALA A 25 -5.02 26.78 14.37
N ASP A 26 -5.61 27.03 15.53
CA ASP A 26 -6.48 26.05 16.17
C ASP A 26 -7.86 26.08 15.54
N PHE A 27 -8.39 24.89 15.21
CA PHE A 27 -9.69 24.80 14.57
C PHE A 27 -10.78 25.49 15.39
N PHE A 28 -10.81 25.21 16.70
CA PHE A 28 -11.86 25.78 17.54
C PHE A 28 -11.64 27.26 17.83
N ALA A 29 -10.39 27.73 17.76
CA ALA A 29 -10.13 29.15 17.93
C ALA A 29 -10.54 29.95 16.71
N LEU A 30 -10.50 29.35 15.51
CA LEU A 30 -10.92 30.01 14.28
C LEU A 30 -12.43 30.11 14.15
N GLY A 31 -13.19 29.55 15.08
CA GLY A 31 -14.64 29.55 15.01
C GLY A 31 -15.26 28.20 14.79
N GLY A 32 -14.48 27.13 14.77
CA GLY A 32 -15.06 25.80 14.62
C GLY A 32 -15.71 25.32 15.90
N HIS A 33 -16.59 24.32 15.74
CA HIS A 33 -17.27 23.71 16.88
C HIS A 33 -17.52 22.25 16.55
N SER A 34 -18.23 21.56 17.44
CA SER A 34 -18.40 20.12 17.32
C SER A 34 -19.14 19.73 16.04
N LEU A 35 -20.21 20.48 15.71
CA LEU A 35 -20.97 20.17 14.50
C LEU A 35 -20.11 20.32 13.26
N LEU A 36 -19.29 21.37 13.21
CA LEU A 36 -18.42 21.59 12.06
C LEU A 36 -17.33 20.54 11.95
N SER A 37 -16.98 19.88 13.04
CA SER A 37 -15.93 18.85 13.00
C SER A 37 -16.35 17.68 12.13
N LEU A 38 -17.66 17.43 12.01
CA LEU A 38 -18.12 16.35 11.14
C LEU A 38 -17.76 16.62 9.68
N ARG A 39 -17.89 17.87 9.24
CA ARG A 39 -17.58 18.20 7.85
C ARG A 39 -16.09 18.09 7.57
N VAL A 40 -15.26 18.48 8.53
CA VAL A 40 -13.81 18.36 8.37
C VAL A 40 -13.42 16.90 8.21
N VAL A 41 -13.96 16.03 9.07
CA VAL A 41 -13.66 14.60 8.98
C VAL A 41 -14.12 14.03 7.65
N ALA A 42 -15.37 14.34 7.27
CA ALA A 42 -15.90 13.78 6.03
C ALA A 42 -15.12 14.26 4.82
N ARG A 43 -14.77 15.54 4.77
CA ARG A 43 -14.03 16.06 3.63
C ARG A 43 -12.61 15.50 3.59
N LEU A 44 -11.97 15.35 4.76
CA LEU A 44 -10.62 14.81 4.79
C LEU A 44 -10.59 13.33 4.43
N ARG A 45 -11.67 12.59 4.73
CA ARG A 45 -11.74 11.20 4.33
C ARG A 45 -11.91 11.07 2.82
N ALA A 46 -12.71 11.96 2.22
CA ALA A 46 -12.97 11.89 0.79
C ALA A 46 -11.77 12.38 -0.04
N LEU A 47 -10.95 13.26 0.52
CA LEU A 47 -9.82 13.81 -0.22
C LEU A 47 -8.55 13.00 -0.02
N LEU A 48 -8.24 12.62 1.22
CA LEU A 48 -7.00 11.91 1.50
C LEU A 48 -7.17 10.39 1.50
N GLY A 49 -8.40 9.90 1.58
CA GLY A 49 -8.61 8.46 1.59
C GLY A 49 -8.05 7.74 2.78
N VAL A 50 -7.75 8.45 3.87
CA VAL A 50 -7.23 7.85 5.09
C VAL A 50 -8.34 7.86 6.13
N ASP A 51 -8.30 6.90 7.04
CA ASP A 51 -9.28 6.81 8.11
C ASP A 51 -9.08 7.98 9.06
N VAL A 52 -9.99 8.95 9.00
CA VAL A 52 -9.98 10.11 9.89
C VAL A 52 -11.23 10.07 10.76
N GLY A 53 -11.08 10.46 12.04
CA GLY A 53 -12.19 10.52 12.95
C GLY A 53 -12.26 11.87 13.64
N VAL A 54 -13.39 12.09 14.31
CA VAL A 54 -13.58 13.33 15.08
C VAL A 54 -12.52 13.43 16.17
N ARG A 55 -12.14 12.29 16.76
CA ARG A 55 -11.14 12.30 17.82
C ARG A 55 -9.80 12.84 17.31
N ASP A 56 -9.45 12.50 16.07
CA ASP A 56 -8.20 13.01 15.50
C ASP A 56 -8.17 14.52 15.46
N LEU A 57 -9.29 15.15 15.09
CA LEU A 57 -9.35 16.61 15.04
C LEU A 57 -9.29 17.21 16.44
N PHE A 58 -9.94 16.57 17.41
CA PHE A 58 -9.92 17.11 18.78
C PHE A 58 -8.52 17.01 19.39
N GLU A 59 -7.81 15.92 19.11
CA GLU A 59 -6.48 15.74 19.67
C GLU A 59 -5.42 16.51 18.90
N ALA A 60 -5.65 16.77 17.62
CA ALA A 60 -4.72 17.53 16.77
C ALA A 60 -5.51 18.63 16.07
N PRO A 61 -5.80 19.73 16.77
CA PRO A 61 -6.70 20.75 16.22
C PRO A 61 -6.06 21.72 15.25
N THR A 62 -4.77 21.59 14.96
CA THR A 62 -4.15 22.47 13.98
C THR A 62 -3.84 21.71 12.70
N PRO A 63 -3.90 22.37 11.55
CA PRO A 63 -3.63 21.67 10.28
C PRO A 63 -2.29 20.96 10.26
N ALA A 64 -1.26 21.54 10.88
CA ALA A 64 0.05 20.89 10.91
C ALA A 64 0.02 19.63 11.76
N ALA A 65 -0.57 19.72 12.95
CA ALA A 65 -0.62 18.56 13.83
C ALA A 65 -1.57 17.50 13.29
N LEU A 66 -2.68 17.91 12.69
CA LEU A 66 -3.63 16.94 12.14
C LEU A 66 -3.04 16.22 10.94
N ALA A 67 -2.35 16.96 10.07
CA ALA A 67 -1.73 16.32 8.90
C ALA A 67 -0.69 15.29 9.34
N ALA A 68 0.16 15.65 10.31
CA ALA A 68 1.15 14.70 10.80
C ALA A 68 0.49 13.48 11.43
N ARG A 69 -0.62 13.69 12.15
CA ARG A 69 -1.32 12.58 12.78
C ARG A 69 -1.90 11.63 11.74
N LEU A 70 -2.41 12.16 10.64
CA LEU A 70 -3.03 11.34 9.60
C LEU A 70 -2.01 10.57 8.76
N THR A 71 -0.76 11.00 8.76
CA THR A 71 0.30 10.31 8.02
C THR A 71 1.16 9.46 8.95
N ARG A 76 6.01 4.39 12.52
CA ARG A 76 6.81 4.60 13.71
C ARG A 76 8.15 5.21 13.30
N ARG A 77 8.18 6.54 13.24
CA ARG A 77 9.41 7.26 12.93
C ARG A 77 9.82 8.09 14.14
N PRO A 78 10.98 7.81 14.74
CA PRO A 78 11.38 8.54 15.94
C PRO A 78 11.56 10.02 15.67
N ALA A 79 11.30 10.82 16.69
CA ALA A 79 11.52 12.26 16.59
C ALA A 79 13.02 12.58 16.62
N VAL A 80 13.38 13.71 16.04
CA VAL A 80 14.77 14.14 16.03
C VAL A 80 15.21 14.45 17.45
N THR A 81 16.37 13.94 17.84
CA THR A 81 16.95 14.21 19.14
C THR A 81 18.35 14.79 18.97
N ARG A 82 18.73 15.68 19.88
CA ARG A 82 20.06 16.26 19.86
C ARG A 82 21.11 15.19 20.22
N ARG A 83 22.36 15.53 19.98
CA ARG A 83 23.46 14.61 20.27
C ARG A 83 24.59 15.34 20.98
N ASP A 86 30.36 17.53 21.65
CA ASP A 86 30.99 17.55 20.34
C ASP A 86 30.57 16.34 19.52
N ALA A 87 29.27 16.28 19.20
CA ALA A 87 28.75 15.17 18.42
C ALA A 87 29.36 15.18 17.02
N PRO A 88 29.67 14.01 16.45
CA PRO A 88 30.28 13.98 15.12
C PRO A 88 29.25 14.24 14.04
N PRO A 89 29.61 14.97 12.99
CA PRO A 89 28.64 15.27 11.93
C PRO A 89 28.29 14.03 11.12
N VAL A 90 27.04 14.00 10.66
CA VAL A 90 26.52 12.90 9.86
C VAL A 90 25.99 13.47 8.55
N LEU A 91 26.58 13.05 7.44
CA LEU A 91 26.12 13.49 6.13
C LEU A 91 24.82 12.77 5.78
N SER A 92 23.77 13.53 5.50
CA SER A 92 22.52 12.93 5.05
C SER A 92 22.66 12.38 3.64
N HIS A 93 21.70 11.53 3.25
CA HIS A 93 21.72 10.99 1.89
C HIS A 93 21.46 12.08 0.86
N PHE A 94 20.71 13.13 1.21
CA PHE A 94 20.61 14.28 0.33
C PHE A 94 21.99 14.88 0.08
N GLN A 95 22.75 15.08 1.15
CA GLN A 95 24.06 15.73 1.04
C GLN A 95 25.02 14.87 0.22
N ARG A 96 25.00 13.55 0.44
CA ARG A 96 25.86 12.67 -0.33
C ARG A 96 25.50 12.69 -1.81
N ARG A 97 24.20 12.71 -2.11
CA ARG A 97 23.77 12.76 -3.50
C ARG A 97 24.12 14.10 -4.15
N LEU A 98 24.01 15.18 -3.38
CA LEU A 98 24.37 16.50 -3.90
C LEU A 98 25.87 16.60 -4.12
N TRP A 99 26.67 16.03 -3.22
CA TRP A 99 28.11 15.95 -3.45
C TRP A 99 28.42 15.09 -4.66
N LEU A 100 27.65 14.01 -4.85
CA LEU A 100 27.92 13.09 -5.94
C LEU A 100 27.66 13.73 -7.30
N ILE A 101 26.62 14.56 -7.41
CA ILE A 101 26.31 15.15 -8.70
C ILE A 101 27.40 16.12 -9.14
N GLU A 102 28.11 16.73 -8.18
CA GLU A 102 29.23 17.60 -8.52
C GLU A 102 30.46 16.82 -8.94
N GLN A 103 30.53 15.52 -8.63
CA GLN A 103 31.62 14.68 -9.11
C GLN A 103 31.32 14.05 -10.47
N VAL A 104 30.05 13.71 -10.72
CA VAL A 104 29.69 13.09 -11.99
C VAL A 104 29.71 14.12 -13.11
N TYR A 105 29.12 15.28 -12.87
CA TYR A 105 29.00 16.33 -13.88
C TYR A 105 29.84 17.54 -13.50
N GLN A 106 30.09 18.38 -14.49
CA GLN A 106 30.51 19.77 -14.25
C GLN A 106 29.24 20.60 -14.24
N THR A 107 28.73 20.90 -13.04
CA THR A 107 27.42 21.52 -12.91
C THR A 107 27.43 23.02 -13.21
N ARG A 108 28.60 23.63 -13.34
CA ARG A 108 28.71 25.08 -13.57
C ARG A 108 28.00 25.89 -12.49
N GLY A 109 27.91 25.34 -11.28
CA GLY A 109 27.21 26.02 -10.21
C GLY A 109 25.71 25.88 -10.25
N ALA A 110 25.20 24.86 -10.94
CA ALA A 110 23.74 24.67 -11.01
C ALA A 110 23.16 24.32 -9.65
N TYR A 111 23.94 23.72 -8.77
CA TYR A 111 23.46 23.32 -7.46
C TYR A 111 23.85 24.32 -6.37
N ASN A 112 24.19 25.54 -6.76
CA ASN A 112 24.21 26.68 -5.86
C ASN A 112 22.82 27.31 -5.85
N VAL A 113 22.32 27.62 -4.66
CA VAL A 113 21.01 28.23 -4.51
C VAL A 113 21.20 29.69 -4.08
N PRO A 114 20.63 30.66 -4.80
CA PRO A 114 20.82 32.06 -4.43
C PRO A 114 19.66 32.62 -3.61
N LEU A 115 19.94 33.68 -2.86
CA LEU A 115 18.92 34.41 -2.11
C LEU A 115 19.31 35.88 -2.16
N ALA A 116 18.61 36.66 -2.97
CA ALA A 116 18.96 38.06 -3.20
C ALA A 116 17.92 38.96 -2.57
N VAL A 117 18.38 39.91 -1.75
CA VAL A 117 17.52 40.85 -1.05
C VAL A 117 18.01 42.26 -1.37
N HIS A 118 17.13 43.07 -1.94
CA HIS A 118 17.43 44.48 -2.13
C HIS A 118 17.16 45.24 -0.83
N VAL A 119 18.14 46.00 -0.37
CA VAL A 119 18.04 46.78 0.86
C VAL A 119 18.09 48.25 0.49
N SER A 120 17.16 49.04 1.05
CA SER A 120 17.09 50.46 0.74
C SER A 120 18.33 51.21 1.22
N ASP A 121 19.03 50.70 2.21
CA ASP A 121 20.27 51.29 2.68
C ASP A 121 21.42 50.32 2.47
N ARG A 122 22.60 50.87 2.20
CA ARG A 122 23.80 50.05 2.08
C ARG A 122 24.21 49.58 3.47
N LEU A 123 24.19 48.26 3.69
CA LEU A 123 24.54 47.71 4.99
C LEU A 123 26.01 47.96 5.31
N ASP A 124 26.35 47.81 6.59
CA ASP A 124 27.73 47.90 7.02
C ASP A 124 28.41 46.56 6.81
N LEU A 125 29.48 46.56 6.00
CA LEU A 125 30.14 45.31 5.65
C LEU A 125 30.72 44.62 6.89
N ASP A 126 31.27 45.39 7.82
CA ASP A 126 31.84 44.79 9.03
C ASP A 126 30.76 44.18 9.91
N VAL A 127 29.64 44.88 10.08
CA VAL A 127 28.53 44.32 10.85
C VAL A 127 27.94 43.10 10.12
N LEU A 128 27.85 43.19 8.79
CA LEU A 128 27.36 42.05 8.01
C LEU A 128 28.25 40.83 8.20
N ARG A 129 29.57 41.02 8.10
CA ARG A 129 30.49 39.90 8.28
C ARG A 129 30.35 39.29 9.66
N ALA A 130 30.21 40.13 10.69
CA ALA A 130 29.99 39.61 12.04
C ALA A 130 28.66 38.85 12.12
N ALA A 131 27.61 39.39 11.47
CA ALA A 131 26.32 38.70 11.48
C ALA A 131 26.41 37.35 10.78
N VAL A 132 27.17 37.27 9.69
CA VAL A 132 27.32 35.99 8.99
C VAL A 132 28.09 35.00 9.86
N ARG A 133 29.12 35.47 10.58
CA ARG A 133 29.83 34.59 11.50
C ARG A 133 28.88 34.03 12.57
N ASP A 134 27.95 34.87 13.05
CA ASP A 134 26.98 34.38 14.03
C ASP A 134 26.04 33.37 13.40
N LEU A 135 25.56 33.64 12.18
CA LEU A 135 24.72 32.68 11.48
C LEU A 135 25.44 31.36 11.28
N VAL A 136 26.70 31.42 10.82
CA VAL A 136 27.48 30.21 10.60
C VAL A 136 27.71 29.47 11.91
N ALA A 137 27.94 30.21 13.00
CA ALA A 137 28.13 29.58 14.30
C ALA A 137 26.85 28.91 14.80
N ARG A 138 25.69 29.45 14.44
CA ARG A 138 24.43 28.90 14.91
C ARG A 138 24.10 27.59 14.19
N HIS A 139 24.21 27.58 12.85
CA HIS A 139 23.82 26.44 12.03
C HIS A 139 25.06 25.68 11.60
N GLU A 140 25.27 24.49 12.16
CA GLU A 140 26.49 23.73 11.88
C GLU A 140 26.59 23.34 10.41
N VAL A 141 25.45 23.17 9.73
CA VAL A 141 25.47 22.76 8.33
C VAL A 141 26.12 23.82 7.44
N LEU A 142 26.14 25.08 7.88
CA LEU A 142 26.76 26.14 7.09
C LEU A 142 28.28 26.18 7.25
N ARG A 143 28.84 25.47 8.22
CA ARG A 143 30.29 25.35 8.36
C ARG A 143 30.74 23.89 8.35
N THR A 144 29.96 23.02 7.72
CA THR A 144 30.31 21.61 7.58
C THR A 144 30.94 21.40 6.22
N LEU A 145 32.23 21.06 6.20
CA LEU A 145 32.91 20.75 4.96
C LEU A 145 32.65 19.31 4.57
N VAL A 146 32.93 19.00 3.30
CA VAL A 146 32.75 17.65 2.78
C VAL A 146 34.02 17.29 2.02
N ARG A 147 34.79 16.37 2.57
CA ARG A 147 36.03 15.91 1.95
C ARG A 147 35.77 14.67 1.10
N SER A 148 36.50 14.57 0.00
CA SER A 148 36.46 13.39 -0.86
C SER A 148 37.50 12.40 -0.34
N SER A 149 37.03 11.26 0.16
CA SER A 149 37.91 10.19 0.59
C SER A 149 37.87 9.05 -0.42
N ASP A 150 38.36 7.88 -0.01
CA ASP A 150 38.35 6.72 -0.89
C ASP A 150 36.93 6.28 -1.21
N ASP A 151 36.11 6.09 -0.18
CA ASP A 151 34.77 5.55 -0.34
C ASP A 151 33.70 6.62 -0.55
N GLY A 152 34.11 7.86 -0.79
CA GLY A 152 33.16 8.92 -1.03
C GLY A 152 33.29 10.07 -0.06
N PRO A 153 32.18 10.76 0.20
CA PRO A 153 32.24 11.99 1.00
C PRO A 153 32.37 11.70 2.49
N ASP A 154 33.10 12.58 3.18
CA ASP A 154 33.27 12.49 4.61
C ASP A 154 33.13 13.89 5.19
N PRO A 155 32.24 14.09 6.15
CA PRO A 155 32.01 15.44 6.68
C PRO A 155 33.10 15.87 7.64
N VAL A 156 33.37 17.17 7.61
CA VAL A 156 34.31 17.80 8.54
C VAL A 156 33.64 19.07 9.05
N LEU A 157 33.33 19.10 10.33
CA LEU A 157 32.67 20.26 10.95
C LEU A 157 33.73 21.21 11.47
N LEU A 158 33.73 22.44 10.96
CA LEU A 158 34.67 23.45 11.42
C LEU A 158 34.16 24.13 12.68
N ALA A 159 35.06 24.38 13.61
CA ALA A 159 34.72 25.18 14.78
C ALA A 159 34.39 26.60 14.33
N PRO A 160 33.54 27.32 15.08
CA PRO A 160 33.18 28.68 14.66
C PRO A 160 34.37 29.60 14.48
N GLU A 161 35.44 29.41 15.24
CA GLU A 161 36.62 30.25 15.09
C GLU A 161 37.39 29.91 13.81
N ASP A 162 37.30 28.67 13.35
CA ASP A 162 37.98 28.25 12.14
C ASP A 162 37.14 28.40 10.88
N ALA A 163 35.84 28.67 11.03
CA ALA A 163 34.95 28.81 9.88
C ALA A 163 35.17 30.19 9.26
N ALA A 164 36.06 30.24 8.27
CA ALA A 164 36.35 31.50 7.58
C ALA A 164 35.20 31.83 6.64
N VAL A 165 34.44 32.87 6.97
CA VAL A 165 33.30 33.24 6.14
C VAL A 165 33.78 34.02 4.91
N ASP A 166 32.93 34.04 3.89
CA ASP A 166 33.23 34.68 2.60
C ASP A 166 32.23 35.81 2.41
N VAL A 167 32.54 36.97 2.98
CA VAL A 167 31.69 38.16 2.89
C VAL A 167 32.50 39.26 2.22
N ALA A 168 31.95 39.83 1.15
CA ALA A 168 32.65 40.85 0.40
C ALA A 168 31.64 41.76 -0.29
N GLU A 169 32.10 42.97 -0.61
CA GLU A 169 31.30 43.92 -1.36
C GLU A 169 31.75 43.91 -2.82
N VAL A 170 30.78 43.96 -3.73
CA VAL A 170 31.04 43.92 -5.16
C VAL A 170 30.34 45.12 -5.80
N GLN A 171 31.10 45.90 -6.56
CA GLN A 171 30.56 47.08 -7.23
C GLN A 171 30.02 46.68 -8.59
N ALA A 172 28.75 46.99 -8.83
CA ALA A 172 28.07 46.61 -10.06
C ALA A 172 28.09 47.78 -11.04
N ALA A 173 28.96 47.69 -12.03
CA ALA A 173 28.81 48.55 -13.20
C ALA A 173 27.66 48.06 -14.07
N GLY A 174 27.63 46.75 -14.35
CA GLY A 174 26.62 46.18 -15.21
C GLY A 174 25.24 46.14 -14.59
N PRO A 175 24.23 45.76 -15.41
CA PRO A 175 22.81 45.87 -15.04
C PRO A 175 22.49 45.69 -13.55
N VAL A 176 22.85 44.50 -13.02
CA VAL A 176 22.83 44.07 -11.62
C VAL A 176 22.20 42.68 -11.58
N ALA A 177 21.18 42.46 -12.40
CA ALA A 177 20.54 41.15 -12.45
C ALA A 177 21.47 40.13 -13.09
N ASP A 178 22.22 40.53 -14.12
CA ASP A 178 23.19 39.64 -14.73
C ASP A 178 24.33 39.33 -13.78
N LEU A 179 24.71 40.30 -12.95
CA LEU A 179 25.78 40.08 -11.98
C LEU A 179 25.39 39.03 -10.95
N LEU A 180 24.13 39.02 -10.53
CA LEU A 180 23.66 38.02 -9.56
C LEU A 180 23.75 36.62 -10.14
N ALA A 181 23.43 36.46 -11.42
CA ALA A 181 23.55 35.15 -12.07
C ALA A 181 24.97 34.62 -11.98
N GLU A 182 25.94 35.47 -12.31
CA GLU A 182 27.33 35.03 -12.37
C GLU A 182 27.92 34.82 -10.98
N LEU A 183 27.51 35.64 -10.01
CA LEU A 183 27.96 35.43 -8.64
C LEU A 183 27.36 34.16 -8.05
N THR A 184 26.13 33.82 -8.45
CA THR A 184 25.50 32.59 -7.96
C THR A 184 26.25 31.36 -8.46
N ALA A 185 26.62 31.34 -9.73
CA ALA A 185 27.21 30.17 -10.35
C ALA A 185 28.68 29.97 -10.00
N GLN A 186 29.29 30.89 -9.25
CA GLN A 186 30.69 30.74 -8.86
C GLN A 186 30.87 29.44 -8.07
N PRO A 187 31.84 28.62 -8.42
CA PRO A 187 31.91 27.27 -7.83
C PRO A 187 32.32 27.28 -6.37
N PHE A 188 31.85 26.27 -5.66
CA PHE A 188 32.24 26.03 -4.27
C PHE A 188 33.25 24.89 -4.24
N ASP A 189 34.32 25.07 -3.46
CA ASP A 189 35.23 23.97 -3.14
C ASP A 189 34.73 23.36 -1.83
N LEU A 190 33.86 22.36 -1.95
CA LEU A 190 33.21 21.79 -0.77
C LEU A 190 34.20 21.18 0.21
N ALA A 191 35.42 20.88 -0.22
CA ALA A 191 36.41 20.29 0.67
C ALA A 191 37.16 21.35 1.49
N THR A 192 37.18 22.61 1.04
CA THR A 192 37.94 23.64 1.71
C THR A 192 37.13 24.86 2.13
N GLN A 193 36.09 25.22 1.38
CA GLN A 193 35.29 26.40 1.68
C GLN A 193 33.94 26.00 2.26
N ILE A 194 33.46 26.82 3.19
CA ILE A 194 32.14 26.62 3.78
C ILE A 194 31.09 26.82 2.68
N PRO A 195 29.97 26.10 2.72
CA PRO A 195 29.00 26.17 1.62
C PRO A 195 28.12 27.41 1.68
N LEU A 196 28.69 28.56 2.01
CA LEU A 196 27.93 29.81 2.10
C LEU A 196 28.81 30.97 1.68
N ARG A 197 28.37 31.71 0.68
CA ARG A 197 29.02 32.94 0.23
C ARG A 197 28.04 34.09 0.39
N VAL A 198 28.56 35.25 0.79
CA VAL A 198 27.74 36.43 0.99
C VAL A 198 28.37 37.59 0.23
N ARG A 199 27.57 38.24 -0.61
CA ARG A 199 28.02 39.38 -1.41
C ARG A 199 27.07 40.55 -1.18
N MET A 200 27.64 41.74 -1.05
CA MET A 200 26.88 42.97 -0.97
C MET A 200 27.16 43.75 -2.24
N ILE A 201 26.16 43.90 -3.09
CA ILE A 201 26.30 44.55 -4.38
C ILE A 201 25.82 45.99 -4.25
N THR A 202 26.72 46.93 -4.44
CA THR A 202 26.41 48.36 -4.48
C THR A 202 26.90 48.93 -5.81
N GLY A 203 26.34 50.07 -6.18
CA GLY A 203 26.73 50.71 -7.42
C GLY A 203 25.95 51.98 -7.62
N GLU A 204 26.32 52.71 -8.68
CA GLU A 204 25.67 53.97 -8.99
C GLU A 204 24.24 53.77 -9.49
N GLN A 205 23.92 52.59 -10.02
CA GLN A 205 22.57 52.25 -10.43
C GLN A 205 21.83 51.43 -9.38
N VAL A 206 22.47 51.14 -8.25
CA VAL A 206 21.88 50.34 -7.19
C VAL A 206 21.51 51.28 -6.06
N ASP A 207 20.21 51.55 -5.92
CA ASP A 207 19.71 52.41 -4.85
C ASP A 207 19.74 51.63 -3.55
N GLY A 208 20.74 51.91 -2.73
CA GLY A 208 20.98 51.14 -1.52
C GLY A 208 22.01 50.04 -1.78
N CYS A 209 21.59 48.79 -1.57
CA CYS A 209 22.48 47.65 -1.83
C CYS A 209 21.62 46.42 -2.07
N VAL A 210 22.23 45.43 -2.71
CA VAL A 210 21.61 44.14 -2.95
C VAL A 210 22.40 43.09 -2.17
N LEU A 211 21.75 42.44 -1.21
CA LEU A 211 22.39 41.40 -0.40
C LEU A 211 22.13 40.06 -1.06
N LEU A 212 23.22 39.38 -1.43
CA LEU A 212 23.13 38.08 -2.12
C LEU A 212 23.73 37.01 -1.22
N LEU A 213 22.89 36.05 -0.83
CA LEU A 213 23.34 34.86 -0.12
C LEU A 213 23.41 33.72 -1.12
N VAL A 214 24.61 33.21 -1.37
CA VAL A 214 24.80 32.06 -2.24
C VAL A 214 25.17 30.88 -1.36
N CYS A 215 24.27 29.91 -1.29
CA CYS A 215 24.52 28.66 -0.60
C CYS A 215 24.70 27.54 -1.62
N HIS A 216 25.53 26.56 -1.27
CA HIS A 216 25.47 25.30 -1.98
C HIS A 216 24.29 24.51 -1.44
N HIS A 217 23.61 23.79 -2.33
CA HIS A 217 22.43 23.05 -1.93
C HIS A 217 22.73 22.04 -0.84
N ILE A 218 23.99 21.62 -0.71
CA ILE A 218 24.37 20.67 0.32
C ILE A 218 24.08 21.21 1.72
N ALA A 219 23.91 22.53 1.86
CA ALA A 219 23.68 23.16 3.14
C ALA A 219 22.29 23.78 3.29
N ALA A 220 21.54 23.95 2.20
CA ALA A 220 20.27 24.66 2.29
C ALA A 220 19.45 24.40 1.05
N ASP A 221 18.13 24.34 1.24
CA ASP A 221 17.17 24.31 0.15
C ASP A 221 16.38 25.62 0.14
N GLU A 222 15.45 25.73 -0.82
CA GLU A 222 14.65 26.94 -0.93
C GLU A 222 13.79 27.16 0.31
N TRP A 223 13.46 26.09 1.03
CA TRP A 223 12.69 26.21 2.26
C TRP A 223 13.51 26.85 3.38
N SER A 224 14.83 26.94 3.23
CA SER A 224 15.69 27.55 4.24
C SER A 224 15.77 29.06 4.11
N PHE A 225 15.09 29.65 3.13
CA PHE A 225 15.17 31.10 2.92
C PHE A 225 14.65 31.86 4.13
N ALA A 226 13.51 31.44 4.68
CA ALA A 226 12.93 32.14 5.81
C ALA A 226 13.84 32.10 7.04
N PRO A 227 14.30 30.94 7.53
CA PRO A 227 15.20 30.97 8.70
C PRO A 227 16.52 31.66 8.43
N LEU A 228 17.07 31.53 7.21
CA LEU A 228 18.32 32.22 6.88
C LEU A 228 18.16 33.73 7.01
N LEU A 229 17.09 34.27 6.43
CA LEU A 229 16.88 35.71 6.48
C LEU A 229 16.54 36.18 7.89
N ARG A 230 15.70 35.42 8.61
CA ARG A 230 15.31 35.81 9.95
C ARG A 230 16.51 35.83 10.88
N ASP A 231 17.34 34.78 10.84
CA ASP A 231 18.52 34.72 11.71
C ASP A 231 19.55 35.76 11.30
N LEU A 232 19.77 35.95 10.00
CA LEU A 232 20.72 36.96 9.56
C LEU A 232 20.23 38.36 9.88
N ASP A 233 18.91 38.57 9.89
CA ASP A 233 18.38 39.87 10.29
C ASP A 233 18.60 40.13 11.77
N THR A 234 18.29 39.15 12.61
CA THR A 234 18.44 39.32 14.06
C THR A 234 19.91 39.43 14.45
N ALA A 235 20.80 38.74 13.73
CA ALA A 235 22.22 38.85 14.04
C ALA A 235 22.79 40.17 13.56
N TYR A 236 22.29 40.69 12.43
CA TYR A 236 22.78 41.97 11.95
C TYR A 236 22.34 43.11 12.86
N ARG A 237 21.07 43.12 13.27
CA ARG A 237 20.58 44.21 14.11
C ARG A 237 21.18 44.15 15.51
N ALA A 238 21.57 42.96 15.97
CA ALA A 238 22.25 42.84 17.26
C ALA A 238 23.67 43.39 17.17
N ARG A 239 24.44 42.94 16.17
CA ARG A 239 25.81 43.42 16.03
C ARG A 239 25.86 44.90 15.72
N ALA A 240 24.87 45.41 14.97
CA ALA A 240 24.79 46.84 14.73
C ALA A 240 24.60 47.61 16.04
N ALA A 241 23.97 46.97 17.03
CA ALA A 241 23.82 47.54 18.36
C ALA A 241 24.95 47.15 19.30
N GLY A 242 26.03 46.59 18.77
CA GLY A 242 27.18 46.21 19.58
C GLY A 242 26.91 45.07 20.54
N ARG A 243 26.15 44.07 20.12
CA ARG A 243 25.75 42.99 21.01
C ARG A 243 25.69 41.69 20.21
N ALA A 244 26.05 40.59 20.86
CA ALA A 244 25.86 39.28 20.24
C ALA A 244 24.37 38.95 20.20
N PRO A 245 23.92 38.27 19.14
CA PRO A 245 22.50 37.92 19.06
C PRO A 245 22.09 37.01 20.19
N ASP A 246 20.90 37.25 20.72
CA ASP A 246 20.34 36.50 21.85
C ASP A 246 19.20 35.64 21.30
N TRP A 247 19.49 34.38 20.96
CA TRP A 247 18.45 33.51 20.44
C TRP A 247 18.20 32.30 21.34
N GLU A 248 16.95 31.85 21.27
CA GLU A 248 16.59 30.54 21.78
C GLU A 248 17.40 29.48 21.05
N PRO A 249 17.93 28.48 21.76
CA PRO A 249 18.77 27.49 21.11
C PRO A 249 18.01 26.67 20.07
N LEU A 250 18.77 26.10 19.14
CA LEU A 250 18.16 25.33 18.06
C LEU A 250 17.63 24.01 18.58
N PRO A 251 16.43 23.60 18.15
CA PRO A 251 15.94 22.26 18.54
C PRO A 251 16.84 21.14 18.09
N ALA A 252 17.50 21.28 16.95
CA ALA A 252 18.42 20.27 16.45
C ALA A 252 19.27 20.86 15.35
N GLN A 253 20.47 20.31 15.20
CA GLN A 253 21.29 20.59 14.03
C GLN A 253 20.89 19.65 12.90
N TYR A 254 21.41 19.92 11.70
CA TYR A 254 21.09 19.06 10.56
C TYR A 254 21.63 17.66 10.76
N SER A 255 22.81 17.54 11.37
CA SER A 255 23.41 16.23 11.61
C SER A 255 22.56 15.38 12.56
N ASP A 256 21.84 16.03 13.48
CA ASP A 256 20.90 15.29 14.31
C ASP A 256 19.77 14.70 13.45
N TYR A 257 19.20 15.52 12.56
CA TYR A 257 18.16 15.03 11.67
C TYR A 257 18.70 13.92 10.77
N ALA A 258 19.94 14.07 10.29
CA ALA A 258 20.51 13.06 9.41
C ALA A 258 20.72 11.74 10.12
N ALA A 259 21.29 11.79 11.34
CA ALA A 259 21.50 10.56 12.10
C ALA A 259 20.19 9.86 12.41
N THR A 260 19.17 10.63 12.80
CA THR A 260 17.86 10.05 13.09
C THR A 260 17.26 9.43 11.85
N LEU A 261 17.35 10.12 10.71
CA LEU A 261 16.72 9.63 9.48
C LEU A 261 17.35 8.32 9.02
N HIS A 262 18.68 8.23 9.05
CA HIS A 262 19.35 7.05 8.51
C HIS A 262 19.19 5.85 9.41
N ASP A 263 19.10 6.06 10.73
CA ASP A 263 18.80 4.94 11.63
C ASP A 263 17.41 4.41 11.37
N TRP A 264 16.44 5.29 11.13
CA TRP A 264 15.07 4.85 10.88
C TRP A 264 14.91 4.24 9.49
N LEU A 265 15.65 4.76 8.50
CA LEU A 265 15.56 4.22 7.14
C LEU A 265 15.99 2.77 7.10
N GLY A 266 17.02 2.41 7.85
CA GLY A 266 17.50 1.04 7.82
C GLY A 266 18.35 0.75 6.60
N GLU A 267 18.57 -0.53 6.36
CA GLU A 267 19.41 -0.99 5.25
C GLU A 267 18.54 -1.60 4.15
N ALA A 268 19.00 -1.46 2.91
CA ALA A 268 18.25 -1.98 1.78
C ALA A 268 18.20 -3.51 1.77
N THR A 269 19.05 -4.17 2.54
CA THR A 269 19.03 -5.63 2.61
C THR A 269 17.97 -6.15 3.58
N ASP A 270 17.58 -5.35 4.58
CA ASP A 270 16.55 -5.74 5.52
C ASP A 270 15.18 -5.63 4.88
N PRO A 271 14.48 -6.75 4.67
CA PRO A 271 13.21 -6.70 3.93
C PRO A 271 12.12 -5.90 4.62
N ALA A 272 12.20 -5.71 5.93
CA ALA A 272 11.18 -5.00 6.68
C ALA A 272 11.54 -3.54 6.94
N SER A 273 12.72 -3.10 6.54
CA SER A 273 13.12 -1.72 6.77
C SER A 273 12.27 -0.77 5.92
N PRO A 274 12.06 0.46 6.39
CA PRO A 274 11.32 1.44 5.57
C PRO A 274 11.97 1.71 4.24
N LEU A 275 13.31 1.61 4.15
CA LEU A 275 13.99 1.83 2.89
C LEU A 275 13.61 0.76 1.87
N ARG A 276 13.70 -0.52 2.26
CA ARG A 276 13.38 -1.59 1.32
C ARG A 276 11.91 -1.58 0.94
N ARG A 277 11.02 -1.39 1.91
CA ARG A 277 9.59 -1.41 1.62
C ARG A 277 9.20 -0.29 0.68
N GLN A 278 9.79 0.89 0.85
CA GLN A 278 9.52 1.99 -0.07
C GLN A 278 10.20 1.78 -1.42
N LEU A 279 11.38 1.17 -1.42
CA LEU A 279 12.04 0.86 -2.68
C LEU A 279 11.23 -0.14 -3.50
N ASP A 280 10.65 -1.14 -2.84
CA ASP A 280 9.84 -2.12 -3.55
C ASP A 280 8.62 -1.48 -4.19
N TYR A 281 8.05 -0.45 -3.56
CA TYR A 281 6.96 0.28 -4.19
C TYR A 281 7.44 1.00 -5.46
N TRP A 282 8.59 1.67 -5.36
CA TRP A 282 9.08 2.43 -6.51
C TRP A 282 9.53 1.53 -7.65
N GLN A 283 10.05 0.34 -7.33
CA GLN A 283 10.40 -0.59 -8.39
C GLN A 283 9.18 -0.99 -9.20
N HIS A 284 8.03 -1.18 -8.53
CA HIS A 284 6.82 -1.54 -9.25
C HIS A 284 6.14 -0.32 -9.88
N ALA A 285 6.17 0.82 -9.18
CA ALA A 285 5.50 2.00 -9.70
C ALA A 285 6.21 2.58 -10.92
N LEU A 286 7.52 2.34 -11.06
CA LEU A 286 8.30 2.90 -12.15
C LEU A 286 8.73 1.84 -13.16
N GLN A 287 8.04 0.71 -13.22
CA GLN A 287 8.40 -0.32 -14.18
C GLN A 287 8.01 0.11 -15.60
N ASP A 288 8.81 -0.34 -16.57
CA ASP A 288 8.59 -0.04 -17.98
C ASP A 288 8.48 1.47 -18.22
N LEU A 289 9.33 2.22 -17.54
CA LEU A 289 9.33 3.67 -17.65
C LEU A 289 9.99 4.08 -18.96
N PRO A 290 9.50 5.14 -19.61
CA PRO A 290 10.21 5.68 -20.78
C PRO A 290 11.57 6.21 -20.37
N ASP A 291 12.58 5.93 -21.20
CA ASP A 291 13.92 6.44 -20.94
C ASP A 291 13.93 7.97 -21.01
N GLU A 292 13.18 8.52 -21.94
CA GLU A 292 13.15 9.97 -22.18
C GLU A 292 11.92 10.34 -22.98
N LEU A 293 11.22 11.40 -22.59
CA LEU A 293 10.03 11.82 -23.31
C LEU A 293 10.42 12.49 -24.62
N ASP A 294 9.72 12.15 -25.70
CA ASP A 294 9.95 12.76 -27.00
C ASP A 294 9.36 14.17 -26.97
N LEU A 295 10.22 15.17 -26.85
CA LEU A 295 9.77 16.55 -26.79
C LEU A 295 10.44 17.37 -27.89
N PRO A 296 9.71 18.29 -28.52
CA PRO A 296 10.33 19.15 -29.54
C PRO A 296 11.35 20.08 -28.91
N THR A 297 12.60 19.96 -29.35
CA THR A 297 13.69 20.78 -28.86
C THR A 297 14.34 21.52 -30.03
N ASP A 298 14.96 22.65 -29.72
CA ASP A 298 15.64 23.42 -30.76
C ASP A 298 16.89 22.70 -31.25
N ARG A 299 17.60 22.02 -30.35
CA ARG A 299 18.77 21.23 -30.70
C ARG A 299 18.59 19.82 -30.16
N PRO A 300 19.19 18.83 -30.83
CA PRO A 300 19.16 17.47 -30.29
C PRO A 300 19.99 17.37 -29.02
N ARG A 301 19.74 16.32 -28.26
CA ARG A 301 20.43 16.13 -26.99
C ARG A 301 21.92 15.91 -27.24
N PRO A 302 22.80 16.66 -26.61
CA PRO A 302 24.24 16.44 -26.76
C PRO A 302 24.69 15.25 -25.91
N ALA A 303 25.94 14.84 -26.15
CA ALA A 303 26.47 13.66 -25.46
C ALA A 303 26.59 13.87 -23.96
N THR A 304 26.82 15.11 -23.53
CA THR A 304 26.91 15.42 -22.11
C THR A 304 26.01 16.60 -21.79
N ALA A 305 25.25 16.48 -20.70
CA ALA A 305 24.45 17.59 -20.19
C ALA A 305 25.39 18.65 -19.64
N SER A 306 25.54 19.76 -20.37
CA SER A 306 26.47 20.80 -19.97
C SER A 306 26.01 21.56 -18.74
N HIS A 307 24.73 21.46 -18.38
CA HIS A 307 24.09 22.17 -17.28
C HIS A 307 24.04 23.67 -17.52
N ARG A 308 24.34 24.15 -18.73
CA ARG A 308 24.05 25.52 -19.08
C ARG A 308 22.54 25.71 -19.18
N GLY A 309 22.06 26.86 -18.75
CA GLY A 309 20.62 27.07 -18.78
C GLY A 309 20.25 28.52 -18.71
N GLY A 310 18.94 28.76 -18.79
CA GLY A 310 18.38 30.09 -18.61
C GLY A 310 17.09 30.01 -17.80
N LEU A 311 16.50 31.18 -17.57
CA LEU A 311 15.28 31.29 -16.78
C LEU A 311 14.25 32.09 -17.57
N ALA A 312 13.20 31.41 -18.04
CA ALA A 312 12.07 32.08 -18.67
C ALA A 312 10.96 32.23 -17.63
N ARG A 313 10.43 33.44 -17.50
CA ARG A 313 9.43 33.76 -16.50
C ARG A 313 8.12 34.10 -17.17
N ALA A 314 7.01 33.69 -16.53
CA ALA A 314 5.67 34.07 -16.95
C ALA A 314 4.97 34.66 -15.73
N GLU A 315 4.68 35.95 -15.77
CA GLU A 315 3.97 36.60 -14.69
C GLU A 315 2.50 36.20 -14.73
N LEU A 316 1.94 35.91 -13.57
CA LEU A 316 0.54 35.52 -13.55
C LEU A 316 -0.32 36.65 -13.00
N PRO A 317 -1.47 36.92 -13.63
CA PRO A 317 -2.38 37.92 -13.08
C PRO A 317 -2.94 37.45 -11.74
N PRO A 318 -3.21 38.37 -10.81
CA PRO A 318 -3.80 37.95 -9.53
C PRO A 318 -5.12 37.22 -9.70
N GLU A 319 -5.88 37.55 -10.74
CA GLU A 319 -7.15 36.86 -10.98
C GLU A 319 -6.91 35.39 -11.32
N LEU A 320 -5.87 35.11 -12.11
CA LEU A 320 -5.58 33.73 -12.47
C LEU A 320 -5.07 32.94 -11.26
N VAL A 321 -4.25 33.57 -10.42
CA VAL A 321 -3.76 32.92 -9.21
C VAL A 321 -4.93 32.50 -8.33
N GLU A 322 -5.89 33.42 -8.12
CA GLU A 322 -7.06 33.10 -7.32
C GLU A 322 -7.91 32.03 -8.01
N ALA A 323 -8.02 32.10 -9.33
CA ALA A 323 -8.75 31.07 -10.06
C ALA A 323 -8.09 29.71 -9.90
N VAL A 324 -6.76 29.68 -9.90
CA VAL A 324 -6.04 28.43 -9.65
C VAL A 324 -6.29 27.95 -8.22
N ARG A 325 -6.26 28.87 -7.25
CA ARG A 325 -6.58 28.50 -5.88
C ARG A 325 -8.00 27.96 -5.77
N ARG A 326 -8.96 28.62 -6.42
CA ARG A 326 -10.34 28.16 -6.39
C ARG A 326 -10.47 26.80 -7.07
N LEU A 327 -9.77 26.60 -8.19
CA LEU A 327 -9.85 25.33 -8.88
C LEU A 327 -9.28 24.20 -8.02
N ALA A 328 -8.20 24.49 -7.28
CA ALA A 328 -7.61 23.48 -6.41
C ALA A 328 -8.57 23.10 -5.29
N ALA A 329 -9.14 24.11 -4.62
CA ALA A 329 -10.09 23.83 -3.54
C ALA A 329 -11.35 23.18 -4.05
N GLN A 330 -11.74 23.46 -5.30
CA GLN A 330 -12.96 22.88 -5.86
C GLN A 330 -12.85 21.38 -5.99
N HIS A 331 -11.76 20.91 -6.60
CA HIS A 331 -11.58 19.49 -6.88
C HIS A 331 -10.82 18.75 -5.79
N GLY A 332 -10.56 19.40 -4.65
CA GLY A 332 -9.89 18.72 -3.56
C GLY A 332 -8.45 18.32 -3.86
N VAL A 333 -7.69 19.19 -4.51
CA VAL A 333 -6.27 18.97 -4.77
C VAL A 333 -5.51 20.21 -4.35
N THR A 334 -4.21 20.04 -4.15
CA THR A 334 -3.37 21.18 -3.85
C THR A 334 -3.05 21.97 -5.12
N VAL A 335 -2.59 23.20 -4.94
CA VAL A 335 -2.20 24.02 -6.08
C VAL A 335 -1.10 23.34 -6.88
N PHE A 336 -0.19 22.65 -6.20
CA PHE A 336 0.85 21.91 -6.91
C PHE A 336 0.27 20.87 -7.85
N MET A 337 -0.76 20.14 -7.42
CA MET A 337 -1.38 19.15 -8.27
C MET A 337 -1.98 19.77 -9.54
N VAL A 338 -2.50 20.99 -9.43
CA VAL A 338 -3.02 21.66 -10.62
C VAL A 338 -1.87 22.02 -11.55
N VAL A 339 -0.76 22.53 -11.00
CA VAL A 339 0.39 22.88 -11.83
C VAL A 339 1.00 21.64 -12.45
N GLN A 340 1.07 20.55 -11.67
CA GLN A 340 1.63 19.31 -12.20
C GLN A 340 0.75 18.74 -13.29
N ALA A 341 -0.57 18.79 -13.10
CA ALA A 341 -1.48 18.35 -14.16
C ALA A 341 -1.35 19.22 -15.39
N ALA A 342 -1.21 20.53 -15.20
CA ALA A 342 -1.07 21.44 -16.33
C ALA A 342 0.22 21.16 -17.10
N VAL A 343 1.31 20.88 -16.39
CA VAL A 343 2.56 20.54 -17.06
C VAL A 343 2.41 19.25 -17.84
N ALA A 344 1.75 18.25 -17.24
CA ALA A 344 1.53 16.99 -17.94
C ALA A 344 0.73 17.19 -19.21
N VAL A 345 -0.30 18.04 -19.15
CA VAL A 345 -1.09 18.34 -20.35
C VAL A 345 -0.21 18.99 -21.41
N LEU A 346 0.66 19.92 -20.99
CA LEU A 346 1.53 20.61 -21.95
C LEU A 346 2.46 19.63 -22.64
N LEU A 347 3.11 18.76 -21.87
CA LEU A 347 3.99 17.76 -22.49
C LEU A 347 3.20 16.79 -23.36
N HIS A 348 2.00 16.41 -22.91
CA HIS A 348 1.16 15.52 -23.70
C HIS A 348 0.80 16.16 -25.04
N ARG A 349 0.44 17.45 -25.02
CA ARG A 349 0.07 18.14 -26.25
C ARG A 349 1.28 18.41 -27.14
N LEU A 350 2.49 18.35 -26.59
CA LEU A 350 3.69 18.43 -27.40
C LEU A 350 4.08 17.09 -28.01
N GLY A 351 3.30 16.03 -27.78
CA GLY A 351 3.59 14.73 -28.36
C GLY A 351 4.41 13.81 -27.50
N ALA A 352 4.37 13.97 -26.17
CA ALA A 352 5.17 13.11 -25.29
C ALA A 352 4.49 11.77 -25.01
N GLY A 353 3.20 11.64 -25.28
CA GLY A 353 2.49 10.41 -25.04
C GLY A 353 1.59 10.49 -23.82
N ASP A 354 1.15 9.30 -23.37
CA ASP A 354 0.27 9.19 -22.22
C ASP A 354 0.99 8.91 -20.92
N ASP A 355 2.25 8.47 -20.98
CA ASP A 355 3.04 8.13 -19.79
C ASP A 355 3.98 9.31 -19.51
N ILE A 356 3.63 10.12 -18.53
CA ILE A 356 4.35 11.37 -18.25
C ILE A 356 4.98 11.27 -16.87
N PRO A 357 6.26 10.88 -16.79
CA PRO A 357 6.95 10.95 -15.50
C PRO A 357 7.51 12.35 -15.26
N LEU A 358 7.04 13.02 -14.20
CA LEU A 358 7.54 14.33 -13.82
C LEU A 358 8.23 14.22 -12.48
N GLY A 359 9.44 14.76 -12.38
CA GLY A 359 10.10 14.85 -11.09
C GLY A 359 9.52 15.97 -10.25
N SER A 360 9.66 15.84 -8.93
CA SER A 360 9.15 16.88 -8.05
C SER A 360 9.84 16.80 -6.70
N PRO A 361 10.15 17.93 -6.07
CA PRO A 361 10.74 17.89 -4.73
C PRO A 361 9.68 17.74 -3.65
N VAL A 362 10.02 16.94 -2.63
CA VAL A 362 9.15 16.77 -1.47
C VAL A 362 9.97 17.06 -0.24
N ALA A 363 9.53 18.03 0.56
CA ALA A 363 10.27 18.46 1.73
C ALA A 363 10.02 17.51 2.89
N ASP A 364 11.08 17.07 3.55
CA ASP A 364 10.99 16.19 4.71
C ASP A 364 11.12 16.99 6.01
N ARG A 365 10.18 17.92 6.18
CA ARG A 365 10.22 18.86 7.30
C ARG A 365 9.03 18.67 8.24
N ALA A 366 8.54 17.44 8.37
CA ALA A 366 7.39 17.20 9.24
C ALA A 366 7.76 17.36 10.71
N ASP A 367 8.94 16.89 11.11
CA ASP A 367 9.39 17.03 12.48
C ASP A 367 9.54 18.50 12.84
N GLU A 368 8.94 18.90 13.97
CA GLU A 368 8.96 20.30 14.36
C GLU A 368 10.35 20.81 14.69
N ALA A 369 11.31 19.91 14.96
CA ALA A 369 12.67 20.34 15.25
C ALA A 369 13.40 20.81 14.00
N VAL A 370 12.93 20.47 12.81
CA VAL A 370 13.56 20.86 11.56
C VAL A 370 12.62 21.62 10.65
N HIS A 371 11.43 21.97 11.13
CA HIS A 371 10.45 22.64 10.27
C HIS A 371 10.93 24.01 9.81
N ASP A 372 11.71 24.70 10.63
CA ASP A 372 12.18 26.05 10.32
C ASP A 372 13.69 26.16 10.46
N THR A 373 14.42 25.12 10.07
CA THR A 373 15.86 25.11 10.20
C THR A 373 16.53 25.15 8.83
N VAL A 374 17.83 25.47 8.84
CA VAL A 374 18.61 25.54 7.62
C VAL A 374 19.09 24.14 7.27
N GLY A 375 18.95 23.78 6.00
CA GLY A 375 19.36 22.46 5.53
C GLY A 375 18.65 22.10 4.25
N PHE A 376 19.07 20.97 3.68
CA PHE A 376 18.47 20.45 2.46
C PHE A 376 17.58 19.26 2.83
N PHE A 377 16.28 19.43 2.66
CA PHE A 377 15.31 18.39 3.00
C PHE A 377 14.49 17.93 1.81
N LEU A 378 14.86 18.30 0.59
CA LEU A 378 14.05 18.04 -0.58
C LEU A 378 14.46 16.73 -1.22
N ASN A 379 13.71 15.67 -0.97
CA ASN A 379 13.87 14.46 -1.75
C ASN A 379 13.22 14.66 -3.12
N THR A 380 13.72 13.94 -4.11
CA THR A 380 13.21 14.01 -5.47
C THR A 380 12.36 12.77 -5.74
N LEU A 381 11.12 13.00 -6.16
CA LEU A 381 10.18 11.91 -6.41
C LEU A 381 9.78 11.91 -7.88
N VAL A 382 9.53 10.72 -8.41
CA VAL A 382 9.04 10.57 -9.77
C VAL A 382 7.53 10.38 -9.69
N LEU A 383 6.79 11.41 -10.11
CA LEU A 383 5.33 11.36 -10.15
C LEU A 383 4.92 10.97 -11.57
N ARG A 384 4.50 9.72 -11.73
CA ARG A 384 4.18 9.13 -13.03
C ARG A 384 2.68 9.21 -13.24
N VAL A 385 2.24 10.16 -14.06
CA VAL A 385 0.82 10.36 -14.34
C VAL A 385 0.50 9.78 -15.71
N ASN A 386 -0.64 9.12 -15.82
CA ASN A 386 -1.11 8.52 -17.06
C ASN A 386 -2.24 9.36 -17.63
N LEU A 387 -2.15 9.69 -18.93
CA LEU A 387 -3.13 10.55 -19.58
C LEU A 387 -3.91 9.82 -20.67
N SER A 388 -3.98 8.49 -20.60
CA SER A 388 -4.74 7.73 -21.58
C SER A 388 -6.23 7.86 -21.33
N GLY A 389 -7.01 7.60 -22.37
CA GLY A 389 -8.45 7.69 -22.30
C GLY A 389 -9.03 9.07 -22.54
N ASN A 390 -8.23 10.01 -23.05
CA ASN A 390 -8.61 11.40 -23.27
C ASN A 390 -9.47 11.94 -22.14
N PRO A 391 -8.92 12.05 -20.93
CA PRO A 391 -9.72 12.51 -19.79
C PRO A 391 -9.86 14.03 -19.81
N THR A 392 -10.78 14.51 -18.99
CA THR A 392 -10.89 15.94 -18.77
C THR A 392 -9.84 16.38 -17.75
N PHE A 393 -9.68 17.70 -17.63
CA PHE A 393 -8.75 18.22 -16.63
C PHE A 393 -9.19 17.82 -15.23
N ALA A 394 -10.51 17.82 -14.99
CA ALA A 394 -11.02 17.38 -13.69
C ALA A 394 -10.70 15.92 -13.44
N ASP A 395 -10.90 15.06 -14.45
CA ASP A 395 -10.51 13.66 -14.31
C ASP A 395 -9.00 13.52 -14.10
N LEU A 396 -8.21 14.40 -14.72
CA LEU A 396 -6.76 14.35 -14.54
C LEU A 396 -6.39 14.76 -13.12
N LEU A 397 -7.09 15.74 -12.55
CA LEU A 397 -6.82 16.15 -11.18
C LEU A 397 -7.06 15.01 -10.20
N ASP A 398 -8.04 14.15 -10.49
CA ASP A 398 -8.25 12.98 -9.66
C ASP A 398 -7.13 11.96 -9.83
N ARG A 399 -6.66 11.77 -11.07
CA ARG A 399 -5.54 10.86 -11.31
C ARG A 399 -4.28 11.35 -10.63
N VAL A 400 -4.01 12.65 -10.72
CA VAL A 400 -2.79 13.21 -10.16
C VAL A 400 -2.79 13.06 -8.64
N ARG A 401 -3.93 13.35 -7.99
CA ARG A 401 -4.01 13.21 -6.54
C ARG A 401 -3.75 11.78 -6.11
N ALA A 402 -4.33 10.81 -6.81
CA ALA A 402 -4.11 9.41 -6.46
C ALA A 402 -2.65 9.02 -6.66
N VAL A 403 -2.02 9.55 -7.71
CA VAL A 403 -0.61 9.27 -7.93
C VAL A 403 0.25 9.94 -6.87
N ASP A 404 -0.04 11.21 -6.59
CA ASP A 404 0.77 11.97 -5.65
C ASP A 404 0.68 11.41 -4.24
N LEU A 405 -0.53 11.14 -3.76
CA LEU A 405 -0.70 10.67 -2.40
C LEU A 405 -0.05 9.31 -2.20
N GLU A 406 -0.15 8.43 -3.21
CA GLU A 406 0.56 7.16 -3.13
C GLU A 406 2.07 7.36 -3.09
N ALA A 407 2.57 8.33 -3.85
CA ALA A 407 4.00 8.59 -3.88
C ALA A 407 4.47 9.28 -2.61
N PHE A 408 3.68 10.23 -2.10
CA PHE A 408 4.06 10.96 -0.89
C PHE A 408 4.13 10.05 0.32
N ALA A 409 3.46 8.90 0.29
CA ALA A 409 3.57 7.91 1.36
C ALA A 409 4.88 7.14 1.30
N ARG A 410 5.65 7.27 0.23
CA ARG A 410 6.96 6.65 0.09
C ARG A 410 7.99 7.68 -0.37
N ALA A 411 7.98 8.84 0.27
CA ALA A 411 8.85 9.95 -0.11
C ALA A 411 10.21 9.91 0.58
N ASP A 412 10.47 8.89 1.39
CA ASP A 412 11.71 8.83 2.17
C ASP A 412 12.81 8.05 1.47
N ALA A 413 12.46 7.18 0.53
CA ALA A 413 13.47 6.44 -0.22
C ALA A 413 14.36 7.41 -0.97
N PRO A 414 15.67 7.41 -0.75
CA PRO A 414 16.55 8.33 -1.49
C PRO A 414 16.42 8.12 -2.99
N PHE A 415 16.37 9.22 -3.73
CA PHE A 415 16.18 9.13 -5.18
C PHE A 415 17.30 8.34 -5.83
N ASP A 416 18.54 8.47 -5.33
CA ASP A 416 19.63 7.68 -5.90
C ASP A 416 19.42 6.19 -5.67
N ALA A 417 18.83 5.82 -4.52
CA ALA A 417 18.50 4.42 -4.30
C ALA A 417 17.38 3.98 -5.22
N VAL A 418 16.41 4.87 -5.49
CA VAL A 418 15.33 4.54 -6.42
C VAL A 418 15.89 4.30 -7.82
N VAL A 419 16.83 5.15 -8.26
CA VAL A 419 17.47 4.94 -9.55
C VAL A 419 18.18 3.59 -9.58
N ASP A 420 18.85 3.24 -8.48
CA ASP A 420 19.61 1.99 -8.43
C ASP A 420 18.71 0.77 -8.47
N THR A 421 17.48 0.88 -7.98
CA THR A 421 16.57 -0.26 -7.99
C THR A 421 15.79 -0.36 -9.30
N VAL A 422 15.41 0.79 -9.88
CA VAL A 422 14.72 0.76 -11.17
C VAL A 422 15.69 0.39 -12.28
N LYS A 423 16.96 0.79 -12.15
CA LYS A 423 18.00 0.50 -13.13
C LYS A 423 17.63 0.94 -14.54
N PRO A 424 17.39 2.24 -14.76
CA PRO A 424 17.12 2.71 -16.11
C PRO A 424 18.39 2.70 -16.95
N PRO A 425 18.27 2.73 -18.28
CA PRO A 425 19.46 2.87 -19.12
C PRO A 425 20.19 4.16 -18.80
N ARG A 426 21.37 4.04 -18.20
CA ARG A 426 22.08 5.21 -17.71
C ARG A 426 22.84 5.90 -18.84
N ALA A 427 22.90 7.23 -18.75
CA ALA A 427 23.63 8.04 -19.70
C ALA A 427 23.82 9.43 -19.11
N VAL A 428 25.02 9.99 -19.29
CA VAL A 428 25.29 11.34 -18.79
C VAL A 428 24.66 12.42 -19.67
N SER A 429 23.99 12.04 -20.76
CA SER A 429 23.30 13.00 -21.60
C SER A 429 21.98 13.47 -21.00
N ARG A 430 21.43 12.72 -20.04
CA ARG A 430 20.11 13.03 -19.53
C ARG A 430 20.01 12.60 -18.07
N HIS A 431 19.13 13.28 -17.34
CA HIS A 431 18.84 12.87 -15.98
C HIS A 431 18.00 11.60 -15.99
N PRO A 432 18.20 10.70 -15.04
CA PRO A 432 17.46 9.43 -15.05
C PRO A 432 16.03 9.56 -14.54
N LEU A 433 15.16 8.72 -15.11
CA LEU A 433 13.75 8.53 -14.75
C LEU A 433 12.85 9.71 -15.08
N PHE A 434 13.41 10.91 -15.20
CA PHE A 434 12.64 12.06 -15.63
C PHE A 434 13.60 13.14 -16.07
N GLN A 435 13.14 13.99 -16.97
CA GLN A 435 13.92 15.13 -17.39
C GLN A 435 13.16 16.44 -17.23
N THR A 436 11.90 16.39 -16.82
CA THR A 436 11.11 17.57 -16.51
C THR A 436 10.69 17.51 -15.06
N MET A 437 11.00 18.56 -14.31
CA MET A 437 10.63 18.67 -12.91
C MET A 437 9.58 19.77 -12.74
N VAL A 438 8.64 19.55 -11.81
CA VAL A 438 7.61 20.54 -11.50
C VAL A 438 7.55 20.70 -9.99
N SER A 439 7.42 21.95 -9.54
CA SER A 439 7.40 22.23 -8.11
C SER A 439 6.50 23.42 -7.84
N TYR A 440 6.04 23.49 -6.59
CA TYR A 440 5.32 24.63 -6.06
C TYR A 440 6.12 25.18 -4.89
N GLN A 441 6.43 26.47 -4.94
CA GLN A 441 7.29 27.10 -3.94
C GLN A 441 6.62 28.35 -3.40
N ARG A 442 6.92 28.67 -2.14
CA ARG A 442 6.44 29.88 -1.49
C ARG A 442 7.63 30.63 -0.91
N ARG A 443 7.88 31.83 -1.43
CA ARG A 443 8.95 32.66 -0.90
C ARG A 443 8.55 33.21 0.47
N PRO A 444 9.53 33.57 1.30
CA PRO A 444 9.20 34.02 2.67
C PRO A 444 8.35 35.28 2.65
N SER A 445 7.43 35.34 3.62
CA SER A 445 6.59 36.51 3.84
C SER A 445 7.15 37.33 4.99
N ASP A 446 6.70 38.59 5.06
CA ASP A 446 7.13 39.53 6.09
C ASP A 446 8.66 39.69 6.09
N VAL A 447 9.21 39.94 4.91
CA VAL A 447 10.64 40.21 4.77
C VAL A 447 10.82 41.58 4.14
N ASP A 448 9.82 42.45 4.31
CA ASP A 448 9.85 43.78 3.71
C ASP A 448 10.56 44.81 4.56
N ARG A 449 10.71 44.57 5.87
CA ARG A 449 11.34 45.53 6.78
C ARG A 449 12.44 44.84 7.57
N LEU A 450 13.44 44.33 6.86
CA LEU A 450 14.59 43.67 7.47
C LEU A 450 15.77 44.62 7.55
N PHE A 451 16.68 44.31 8.48
CA PHE A 451 17.91 45.08 8.70
C PHE A 451 17.61 46.54 9.03
N GLY A 452 16.45 46.80 9.63
CA GLY A 452 16.08 48.17 9.93
C GLY A 452 15.92 49.06 8.72
N ALA A 453 15.48 48.50 7.60
CA ALA A 453 15.33 49.25 6.36
C ALA A 453 14.19 48.64 5.56
N ALA A 454 14.06 49.07 4.31
CA ALA A 454 13.07 48.52 3.38
C ALA A 454 13.74 47.44 2.53
N THR A 455 13.14 46.24 2.52
CA THR A 455 13.73 45.09 1.85
C THR A 455 12.70 44.43 0.96
N ARG A 456 13.20 43.67 -0.02
CA ARG A 456 12.36 42.89 -0.92
C ARG A 456 13.23 41.86 -1.62
N LEU A 457 12.69 40.66 -1.80
CA LEU A 457 13.41 39.62 -2.51
C LEU A 457 13.54 39.97 -3.98
N VAL A 458 14.73 39.74 -4.53
CA VAL A 458 15.03 40.01 -5.93
C VAL A 458 15.18 38.67 -6.66
N GLU A 459 14.56 38.58 -7.84
CA GLU A 459 14.71 37.39 -8.65
C GLU A 459 16.11 37.32 -9.23
N VAL A 460 16.68 36.12 -9.25
CA VAL A 460 18.03 35.89 -9.77
C VAL A 460 17.88 35.09 -11.06
N PRO A 461 18.17 35.68 -12.22
CA PRO A 461 18.21 34.87 -13.45
C PRO A 461 19.37 33.89 -13.35
N LEU A 462 19.14 32.68 -13.82
CA LEU A 462 20.14 31.63 -13.70
C LEU A 462 20.80 31.37 -15.04
N ASP A 463 22.09 31.08 -14.99
CA ASP A 463 22.85 30.68 -16.17
C ASP A 463 23.01 29.17 -16.26
N THR A 464 22.35 28.43 -15.36
CA THR A 464 22.48 27.00 -15.25
C THR A 464 21.11 26.34 -15.28
N ALA A 465 21.11 25.02 -15.43
CA ALA A 465 19.89 24.23 -15.36
C ALA A 465 20.26 22.81 -14.93
N LYS A 466 19.37 22.20 -14.15
CA LYS A 466 19.64 20.86 -13.63
C LYS A 466 19.04 19.76 -14.50
N PHE A 467 17.93 20.04 -15.18
CA PHE A 467 17.26 19.05 -16.01
C PHE A 467 17.01 19.61 -17.40
N ASP A 468 16.22 18.90 -18.22
CA ASP A 468 15.80 19.47 -19.49
C ASP A 468 14.89 20.66 -19.26
N LEU A 469 13.88 20.50 -18.42
CA LEU A 469 12.91 21.54 -18.10
C LEU A 469 12.59 21.47 -16.62
N GLU A 470 12.41 22.64 -16.00
CA GLU A 470 12.06 22.71 -14.58
C GLU A 470 11.05 23.84 -14.41
N PHE A 471 9.79 23.49 -14.22
CA PHE A 471 8.72 24.45 -14.00
C PHE A 471 8.50 24.62 -12.50
N ALA A 472 8.36 25.88 -12.07
CA ALA A 472 8.11 26.18 -10.67
C ALA A 472 7.01 27.23 -10.58
N PHE A 473 5.94 26.89 -9.87
CA PHE A 473 4.91 27.85 -9.49
C PHE A 473 5.40 28.52 -8.20
N ILE A 474 5.86 29.76 -8.32
CA ILE A 474 6.52 30.45 -7.22
C ILE A 474 5.61 31.56 -6.71
N GLU A 475 5.23 31.48 -5.44
CA GLU A 475 4.53 32.56 -4.77
C GLU A 475 5.55 33.43 -4.05
N ASP A 476 5.46 34.74 -4.23
CA ASP A 476 6.47 35.66 -3.72
C ASP A 476 6.29 36.00 -2.25
N GLY A 477 5.28 35.42 -1.57
CA GLY A 477 5.04 35.69 -0.18
C GLY A 477 4.11 36.86 0.10
N HIS A 478 4.01 37.82 -0.82
CA HIS A 478 3.09 38.94 -0.63
C HIS A 478 2.06 38.98 -1.75
N GLY A 479 1.23 37.97 -1.83
CA GLY A 479 0.14 37.89 -2.80
C GLY A 479 0.44 37.43 -4.23
N GLY A 480 1.54 37.93 -4.80
CA GLY A 480 1.85 37.64 -6.19
C GLY A 480 2.36 36.23 -6.41
N ALA A 481 2.35 35.82 -7.68
CA ALA A 481 2.83 34.52 -8.09
C ALA A 481 3.27 34.59 -9.55
N HIS A 482 4.20 33.71 -9.92
CA HIS A 482 4.68 33.65 -11.29
C HIS A 482 5.20 32.24 -11.57
N ILE A 483 5.26 31.90 -12.85
CA ILE A 483 5.82 30.63 -13.30
C ILE A 483 7.25 30.85 -13.74
N ALA A 484 8.16 30.01 -13.26
CA ALA A 484 9.57 30.06 -13.66
C ALA A 484 9.90 28.76 -14.37
N LEU A 485 10.49 28.88 -15.56
CA LEU A 485 10.94 27.73 -16.33
C LEU A 485 12.46 27.81 -16.43
N ASN A 486 13.13 26.94 -15.68
CA ASN A 486 14.58 26.79 -15.77
C ASN A 486 14.86 25.70 -16.80
N TYR A 487 15.34 26.10 -17.97
CA TYR A 487 15.50 25.22 -19.11
C TYR A 487 16.97 25.01 -19.43
N ALA A 488 17.26 23.86 -20.05
CA ALA A 488 18.61 23.56 -20.50
C ALA A 488 18.88 24.28 -21.81
N ALA A 489 19.92 25.11 -21.84
CA ALA A 489 20.28 25.81 -23.06
C ALA A 489 20.78 24.88 -24.15
N ASP A 490 21.23 23.67 -23.79
CA ASP A 490 21.63 22.70 -24.80
C ASP A 490 20.46 22.32 -25.70
N LEU A 491 19.23 22.34 -25.17
CA LEU A 491 18.06 21.84 -25.88
C LEU A 491 17.14 22.94 -26.39
N PHE A 492 16.97 24.03 -25.64
CA PHE A 492 15.98 25.04 -25.96
C PHE A 492 16.61 26.41 -26.06
N ASP A 493 16.15 27.18 -27.04
CA ASP A 493 16.47 28.60 -27.11
C ASP A 493 15.61 29.35 -26.11
N HIS A 494 16.04 30.57 -25.78
CA HIS A 494 15.30 31.36 -24.79
C HIS A 494 13.90 31.70 -25.27
N ASP A 495 13.73 31.95 -26.57
CA ASP A 495 12.40 32.26 -27.08
C ASP A 495 11.48 31.04 -27.00
N SER A 496 12.02 29.85 -27.25
CA SER A 496 11.21 28.63 -27.13
C SER A 496 10.74 28.43 -25.70
N ALA A 497 11.62 28.66 -24.72
CA ALA A 497 11.23 28.52 -23.33
C ALA A 497 10.16 29.52 -22.95
N GLU A 498 10.30 30.77 -23.44
CA GLU A 498 9.28 31.78 -23.19
C GLU A 498 7.93 31.36 -23.76
N GLN A 499 7.93 30.75 -24.95
CA GLN A 499 6.68 30.23 -25.51
C GLN A 499 6.16 29.06 -24.69
N LEU A 500 7.06 28.18 -24.23
CA LEU A 500 6.64 27.03 -23.43
C LEU A 500 5.97 27.47 -22.14
N VAL A 501 6.52 28.48 -21.48
CA VAL A 501 5.94 28.91 -20.20
C VAL A 501 4.65 29.70 -20.44
N ALA A 502 4.55 30.42 -21.56
CA ALA A 502 3.28 31.06 -21.90
C ALA A 502 2.21 30.02 -22.22
N ARG A 503 2.59 28.91 -22.85
CA ARG A 503 1.65 27.83 -23.08
C ARG A 503 1.19 27.17 -21.78
N LEU A 504 2.09 27.08 -20.79
CA LEU A 504 1.69 26.55 -19.48
C LEU A 504 0.64 27.44 -18.83
N ARG A 505 0.83 28.76 -18.92
N ARG A 505 0.82 28.76 -18.93
CA ARG A 505 -0.17 29.68 -18.37
CA ARG A 505 -0.17 29.67 -18.37
C ARG A 505 -1.50 29.54 -19.10
C ARG A 505 -1.51 29.55 -19.09
N THR A 506 -1.46 29.33 -20.42
CA THR A 506 -2.69 29.15 -21.17
C THR A 506 -3.41 27.87 -20.75
N VAL A 507 -2.66 26.79 -20.52
CA VAL A 507 -3.26 25.55 -20.04
C VAL A 507 -4.00 25.80 -18.73
N LEU A 508 -3.37 26.55 -17.81
CA LEU A 508 -4.00 26.83 -16.53
C LEU A 508 -5.24 27.71 -16.71
N GLU A 509 -5.14 28.76 -17.53
CA GLU A 509 -6.29 29.62 -17.79
C GLU A 509 -7.45 28.82 -18.37
N HIS A 510 -7.16 27.91 -19.31
CA HIS A 510 -8.21 27.07 -19.87
C HIS A 510 -8.76 26.10 -18.84
N ALA A 511 -7.91 25.59 -17.95
CA ALA A 511 -8.37 24.63 -16.95
C ALA A 511 -9.26 25.29 -15.91
N CYS A 512 -8.92 26.51 -15.50
CA CYS A 512 -9.74 27.22 -14.52
C CYS A 512 -11.09 27.62 -15.12
N ALA A 513 -11.09 28.00 -16.39
CA ALA A 513 -12.34 28.40 -17.04
C ALA A 513 -13.31 27.24 -17.15
N ASP A 514 -12.83 26.08 -17.58
CA ASP A 514 -13.68 24.91 -17.79
C ASP A 514 -12.84 23.65 -17.60
N PRO A 515 -12.90 23.04 -16.41
CA PRO A 515 -12.14 21.80 -16.18
C PRO A 515 -12.72 20.58 -16.87
N CYS A 516 -13.84 20.70 -17.57
CA CYS A 516 -14.47 19.59 -18.27
C CYS A 516 -14.01 19.47 -19.72
N ARG A 517 -13.02 20.25 -20.13
CA ARG A 517 -12.52 20.10 -21.49
C ARG A 517 -11.50 18.97 -21.53
N PRO A 518 -11.49 18.18 -22.60
CA PRO A 518 -10.48 17.11 -22.73
C PRO A 518 -9.07 17.68 -22.76
N VAL A 519 -8.12 16.86 -22.30
CA VAL A 519 -6.73 17.29 -22.25
C VAL A 519 -6.11 17.41 -23.65
N ALA A 520 -6.67 16.72 -24.63
CA ALA A 520 -6.12 16.74 -25.99
C ALA A 520 -6.21 18.13 -26.60
N VAL B 1 -6.48 -14.62 7.45
CA VAL B 1 -5.42 -15.26 6.68
C VAL B 1 -4.60 -16.19 7.56
N THR B 2 -4.69 -17.50 7.30
CA THR B 2 -3.87 -18.45 8.03
C THR B 2 -2.41 -18.45 7.59
N ALA B 3 -2.08 -17.78 6.48
CA ALA B 3 -0.71 -17.77 5.99
C ALA B 3 0.23 -17.14 7.00
N TYR B 4 -0.08 -15.91 7.44
CA TYR B 4 0.68 -15.30 8.53
C TYR B 4 0.69 -16.20 9.76
N GLU B 5 -0.48 -16.78 10.07
CA GLU B 5 -0.59 -17.68 11.21
C GLU B 5 0.34 -18.89 11.06
N GLU B 6 0.43 -19.45 9.85
CA GLU B 6 1.30 -20.58 9.63
C GLU B 6 2.77 -20.17 9.66
N ILE B 7 3.09 -18.99 9.13
CA ILE B 7 4.46 -18.51 9.15
C ILE B 7 4.93 -18.26 10.58
N VAL B 8 4.06 -17.66 11.40
CA VAL B 8 4.41 -17.43 12.81
C VAL B 8 4.64 -18.75 13.52
N CYS B 9 3.80 -19.75 13.24
CA CYS B 9 3.94 -21.05 13.89
C CYS B 9 5.32 -21.66 13.62
N GLN B 10 5.76 -21.63 12.37
CA GLN B 10 7.05 -22.21 12.03
C GLN B 10 8.22 -21.39 12.59
N VAL B 11 8.01 -20.09 12.83
CA VAL B 11 9.04 -19.30 13.48
C VAL B 11 9.13 -19.66 14.96
N PHE B 12 7.98 -19.84 15.61
CA PHE B 12 7.97 -20.30 17.00
C PHE B 12 8.70 -21.62 17.14
N ALA B 13 8.45 -22.56 16.22
CA ALA B 13 9.06 -23.89 16.32
C ALA B 13 10.57 -23.82 16.13
N ALA B 14 11.04 -22.96 15.22
CA ALA B 14 12.48 -22.85 14.99
C ALA B 14 13.18 -22.15 16.15
N VAL B 15 12.54 -21.15 16.75
CA VAL B 15 13.17 -20.40 17.83
C VAL B 15 13.10 -21.18 19.13
N LEU B 16 11.94 -21.73 19.46
CA LEU B 16 11.76 -22.45 20.71
C LEU B 16 12.31 -23.87 20.67
N ASP B 17 12.78 -24.35 19.52
CA ASP B 17 13.21 -25.73 19.34
C ASP B 17 12.10 -26.69 19.79
N ARG B 18 10.98 -26.60 19.09
CA ARG B 18 9.79 -27.39 19.40
C ARG B 18 9.22 -27.98 18.12
N SER B 19 8.44 -29.05 18.30
CA SER B 19 7.78 -29.73 17.19
C SER B 19 6.30 -29.42 17.09
N ASP B 20 5.60 -29.31 18.22
CA ASP B 20 4.16 -29.06 18.23
C ASP B 20 3.92 -27.61 18.69
N VAL B 21 3.89 -26.70 17.73
CA VAL B 21 3.46 -25.32 17.94
C VAL B 21 2.12 -25.18 17.24
N THR B 22 1.09 -24.82 18.00
CA THR B 22 -0.24 -24.60 17.45
C THR B 22 -0.55 -23.11 17.40
N ALA B 23 -1.67 -22.79 16.75
CA ALA B 23 -2.04 -21.40 16.51
C ALA B 23 -2.43 -20.69 17.80
N ASP B 24 -2.94 -21.42 18.79
CA ASP B 24 -3.42 -20.82 20.02
C ASP B 24 -2.44 -20.94 21.18
N ALA B 25 -1.24 -21.46 20.94
CA ALA B 25 -0.27 -21.66 22.00
C ALA B 25 0.43 -20.35 22.36
N ASP B 26 0.79 -20.22 23.64
CA ASP B 26 1.44 -19.02 24.15
C ASP B 26 2.95 -19.16 24.01
N PHE B 27 3.57 -18.18 23.36
CA PHE B 27 5.03 -18.20 23.16
C PHE B 27 5.78 -18.42 24.47
N PHE B 28 5.37 -17.72 25.52
CA PHE B 28 6.06 -17.83 26.80
C PHE B 28 5.74 -19.13 27.53
N ALA B 29 4.58 -19.74 27.23
CA ALA B 29 4.26 -21.02 27.85
C ALA B 29 5.11 -22.15 27.28
N LEU B 30 5.45 -22.09 26.00
CA LEU B 30 6.26 -23.12 25.35
C LEU B 30 7.74 -23.00 25.69
N GLY B 31 8.12 -22.09 26.56
CA GLY B 31 9.51 -21.89 26.93
C GLY B 31 10.15 -20.63 26.38
N GLY B 32 9.36 -19.66 25.93
CA GLY B 32 9.90 -18.42 25.42
C GLY B 32 10.01 -17.34 26.48
N HIS B 33 10.99 -16.45 26.31
CA HIS B 33 11.20 -15.34 27.21
C HIS B 33 11.54 -14.11 26.37
N SER B 34 11.99 -13.05 27.05
CA SER B 34 12.27 -11.79 26.35
C SER B 34 13.44 -11.94 25.39
N LEU B 35 14.47 -12.70 25.78
CA LEU B 35 15.65 -12.84 24.94
C LEU B 35 15.31 -13.55 23.63
N LEU B 36 14.52 -14.62 23.70
CA LEU B 36 14.12 -15.33 22.49
C LEU B 36 13.12 -14.53 21.66
N SER B 37 12.45 -13.54 22.27
CA SER B 37 11.51 -12.72 21.51
C SER B 37 12.21 -11.94 20.40
N LEU B 38 13.48 -11.57 20.62
CA LEU B 38 14.24 -10.89 19.58
C LEU B 38 14.39 -11.76 18.34
N ARG B 39 14.66 -13.05 18.54
CA ARG B 39 14.83 -13.96 17.40
C ARG B 39 13.54 -14.16 16.64
N VAL B 40 12.40 -14.18 17.35
CA VAL B 40 11.12 -14.26 16.67
C VAL B 40 10.84 -13.00 15.86
N VAL B 41 11.11 -11.84 16.45
CA VAL B 41 10.89 -10.57 15.75
C VAL B 41 11.82 -10.46 14.56
N ALA B 42 13.09 -10.84 14.73
CA ALA B 42 14.05 -10.73 13.63
C ALA B 42 13.67 -11.63 12.46
N ARG B 43 13.25 -12.86 12.75
CA ARG B 43 12.89 -13.79 11.68
C ARG B 43 11.59 -13.36 10.99
N LEU B 44 10.61 -12.86 11.75
CA LEU B 44 9.36 -12.42 11.14
C LEU B 44 9.56 -11.18 10.29
N ARG B 45 10.55 -10.35 10.61
CA ARG B 45 10.84 -9.18 9.79
C ARG B 45 11.39 -9.60 8.44
N ALA B 46 12.29 -10.58 8.41
CA ALA B 46 12.92 -11.01 7.17
C ALA B 46 12.04 -11.93 6.34
N LEU B 47 10.98 -12.48 6.92
CA LEU B 47 10.10 -13.38 6.18
C LEU B 47 8.89 -12.67 5.60
N LEU B 48 8.25 -11.79 6.37
CA LEU B 48 7.07 -11.08 5.91
C LEU B 48 7.34 -9.64 5.51
N GLY B 49 8.53 -9.12 5.76
CA GLY B 49 8.84 -7.74 5.43
C GLY B 49 7.94 -6.73 6.11
N VAL B 50 7.44 -7.05 7.30
CA VAL B 50 6.50 -6.20 8.03
C VAL B 50 7.19 -5.64 9.25
N ASP B 51 6.91 -4.37 9.56
CA ASP B 51 7.47 -3.73 10.75
C ASP B 51 6.85 -4.33 12.01
N VAL B 52 7.47 -5.40 12.53
CA VAL B 52 7.02 -6.04 13.75
C VAL B 52 8.06 -5.78 14.84
N GLY B 53 7.58 -5.66 16.08
CA GLY B 53 8.45 -5.38 17.19
C GLY B 53 8.17 -6.32 18.36
N VAL B 54 9.03 -6.22 19.38
CA VAL B 54 8.87 -7.01 20.58
C VAL B 54 7.53 -6.70 21.25
N ARG B 55 7.04 -5.46 21.10
CA ARG B 55 5.72 -5.11 21.62
C ARG B 55 4.64 -6.00 21.04
N ASP B 56 4.76 -6.35 19.75
CA ASP B 56 3.73 -7.14 19.10
C ASP B 56 3.67 -8.57 19.63
N LEU B 57 4.81 -9.13 20.04
CA LEU B 57 4.82 -10.48 20.59
C LEU B 57 4.31 -10.53 22.03
N PHE B 58 4.40 -9.42 22.76
CA PHE B 58 3.95 -9.41 24.15
C PHE B 58 2.43 -9.28 24.24
N GLU B 59 1.84 -8.43 23.40
CA GLU B 59 0.38 -8.28 23.39
C GLU B 59 -0.29 -9.51 22.83
N ALA B 60 0.31 -10.12 21.80
CA ALA B 60 -0.25 -11.27 21.10
C ALA B 60 0.76 -12.41 21.15
N PRO B 61 0.87 -13.11 22.28
CA PRO B 61 1.85 -14.20 22.40
C PRO B 61 1.46 -15.48 21.69
N THR B 62 0.27 -15.53 21.05
CA THR B 62 -0.14 -16.71 20.32
C THR B 62 -0.03 -16.47 18.82
N PRO B 63 0.34 -17.50 18.05
CA PRO B 63 0.46 -17.32 16.60
C PRO B 63 -0.83 -16.86 15.94
N ALA B 64 -1.99 -17.24 16.48
CA ALA B 64 -3.26 -16.76 15.92
C ALA B 64 -3.44 -15.26 16.19
N ALA B 65 -3.20 -14.83 17.43
CA ALA B 65 -3.36 -13.42 17.76
C ALA B 65 -2.27 -12.57 17.12
N LEU B 66 -1.03 -13.07 17.08
CA LEU B 66 0.05 -12.31 16.46
C LEU B 66 -0.22 -12.07 14.98
N ALA B 67 -0.68 -13.09 14.26
CA ALA B 67 -1.06 -12.90 12.86
C ALA B 67 -2.21 -11.91 12.74
N ALA B 68 -3.18 -11.99 13.66
CA ALA B 68 -4.29 -11.04 13.66
C ALA B 68 -3.83 -9.65 14.07
N ARG B 69 -2.77 -9.55 14.87
CA ARG B 69 -2.26 -8.25 15.30
C ARG B 69 -1.60 -7.48 14.16
N LEU B 70 -1.10 -8.18 13.15
CA LEU B 70 -0.45 -7.52 12.01
C LEU B 70 -1.48 -7.23 10.91
N THR B 71 -2.47 -6.43 11.29
CA THR B 71 -3.53 -6.01 10.37
C THR B 71 -4.03 -4.62 10.74
N ARG B 77 -9.86 -2.30 12.54
CA ARG B 77 -11.03 -3.17 12.40
C ARG B 77 -11.56 -3.59 13.76
N PRO B 78 -12.83 -3.27 14.03
CA PRO B 78 -13.39 -3.55 15.35
C PRO B 78 -13.63 -5.03 15.55
N ALA B 79 -13.64 -5.43 16.82
CA ALA B 79 -13.96 -6.81 17.17
C ALA B 79 -15.44 -7.08 16.96
N VAL B 80 -15.78 -8.36 16.80
CA VAL B 80 -17.17 -8.74 16.60
C VAL B 80 -17.94 -8.58 17.90
N THR B 81 -19.05 -7.85 17.85
CA THR B 81 -19.87 -7.55 19.02
C THR B 81 -21.22 -8.25 18.89
N ARG B 82 -21.58 -9.01 19.93
CA ARG B 82 -22.91 -9.60 19.99
C ARG B 82 -23.97 -8.52 19.98
N ARG B 83 -24.97 -8.67 19.12
CA ARG B 83 -26.07 -7.71 19.05
C ARG B 83 -27.21 -8.05 20.00
N GLY B 84 -27.15 -9.21 20.66
CA GLY B 84 -28.05 -9.50 21.75
C GLY B 84 -29.28 -10.30 21.36
N PRO B 85 -30.44 -9.90 21.90
CA PRO B 85 -31.64 -10.71 21.75
C PRO B 85 -32.52 -10.27 20.58
N ASP B 86 -32.92 -11.25 19.76
CA ASP B 86 -33.84 -11.03 18.64
C ASP B 86 -33.36 -9.90 17.74
N ALA B 87 -32.04 -9.80 17.57
CA ALA B 87 -31.51 -8.90 16.57
C ALA B 87 -31.85 -9.44 15.18
N PRO B 88 -32.17 -8.56 14.22
CA PRO B 88 -32.53 -9.03 12.89
C PRO B 88 -31.36 -9.72 12.22
N PRO B 89 -31.61 -10.77 11.45
CA PRO B 89 -30.51 -11.43 10.74
C PRO B 89 -29.90 -10.52 9.68
N VAL B 90 -28.59 -10.67 9.49
CA VAL B 90 -27.84 -9.88 8.53
C VAL B 90 -27.09 -10.83 7.61
N LEU B 91 -27.25 -10.64 6.31
CA LEU B 91 -26.57 -11.47 5.31
C LEU B 91 -25.19 -10.90 5.05
N SER B 92 -24.17 -11.74 5.23
CA SER B 92 -22.81 -11.34 4.85
C SER B 92 -22.69 -11.30 3.33
N HIS B 93 -21.66 -10.58 2.86
CA HIS B 93 -21.42 -10.53 1.42
C HIS B 93 -21.08 -11.91 0.86
N PHE B 94 -20.53 -12.80 1.69
CA PHE B 94 -20.33 -14.17 1.28
C PHE B 94 -21.66 -14.84 0.92
N GLN B 95 -22.64 -14.73 1.82
CA GLN B 95 -23.92 -15.41 1.61
C GLN B 95 -24.66 -14.83 0.41
N ARG B 96 -24.59 -13.51 0.22
CA ARG B 96 -25.25 -12.91 -0.93
C ARG B 96 -24.60 -13.36 -2.24
N ARG B 97 -23.28 -13.59 -2.23
CA ARG B 97 -22.62 -14.07 -3.42
C ARG B 97 -22.96 -15.54 -3.69
N LEU B 98 -23.05 -16.34 -2.64
CA LEU B 98 -23.42 -17.74 -2.81
C LEU B 98 -24.87 -17.89 -3.24
N TRP B 99 -25.74 -17.02 -2.75
CA TRP B 99 -27.11 -17.00 -3.27
C TRP B 99 -27.13 -16.55 -4.73
N LEU B 100 -26.28 -15.59 -5.07
CA LEU B 100 -26.27 -15.07 -6.44
C LEU B 100 -25.81 -16.12 -7.44
N ILE B 101 -24.80 -16.92 -7.09
CA ILE B 101 -24.29 -17.92 -8.02
C ILE B 101 -25.35 -18.98 -8.31
N GLU B 102 -26.26 -19.23 -7.36
CA GLU B 102 -27.35 -20.16 -7.61
C GLU B 102 -28.44 -19.58 -8.49
N GLN B 103 -28.48 -18.25 -8.64
CA GLN B 103 -29.40 -17.62 -9.58
C GLN B 103 -28.82 -17.49 -10.98
N VAL B 104 -27.50 -17.44 -11.10
CA VAL B 104 -26.85 -17.28 -12.40
C VAL B 104 -26.68 -18.61 -13.11
N TYR B 105 -26.35 -19.67 -12.37
CA TYR B 105 -26.12 -20.98 -12.95
C TYR B 105 -27.05 -22.01 -12.32
N GLN B 106 -27.18 -23.14 -13.01
CA GLN B 106 -27.76 -24.35 -12.43
C GLN B 106 -26.59 -25.16 -11.89
N THR B 107 -26.28 -24.96 -10.61
CA THR B 107 -25.06 -25.51 -10.03
C THR B 107 -25.14 -27.00 -9.76
N ARG B 108 -26.34 -27.59 -9.77
CA ARG B 108 -26.53 -29.02 -9.51
C ARG B 108 -25.95 -29.42 -8.15
N GLY B 109 -26.11 -28.56 -7.15
CA GLY B 109 -25.57 -28.87 -5.85
C GLY B 109 -24.07 -28.74 -5.73
N ALA B 110 -23.43 -28.01 -6.66
CA ALA B 110 -21.99 -27.84 -6.60
C ALA B 110 -21.56 -27.08 -5.34
N TYR B 111 -22.45 -26.25 -4.79
CA TYR B 111 -22.14 -25.44 -3.62
C TYR B 111 -22.74 -26.00 -2.34
N ASN B 112 -23.13 -27.28 -2.36
CA ASN B 112 -23.36 -28.03 -1.14
C ASN B 112 -22.04 -28.65 -0.70
N VAL B 113 -21.72 -28.52 0.58
CA VAL B 113 -20.48 -29.04 1.13
C VAL B 113 -20.79 -30.31 1.93
N PRO B 114 -20.14 -31.42 1.66
CA PRO B 114 -20.44 -32.66 2.38
C PRO B 114 -19.51 -32.88 3.56
N LEU B 115 -20.04 -33.57 4.57
CA LEU B 115 -19.27 -33.98 5.74
C LEU B 115 -19.76 -35.37 6.14
N ALA B 116 -19.05 -36.41 5.71
CA ALA B 116 -19.43 -37.79 5.97
C ALA B 116 -18.59 -38.35 7.10
N VAL B 117 -19.24 -38.97 8.08
CA VAL B 117 -18.58 -39.53 9.25
C VAL B 117 -19.05 -40.97 9.41
N HIS B 118 -18.12 -41.91 9.34
CA HIS B 118 -18.44 -43.30 9.64
C HIS B 118 -18.49 -43.49 11.15
N VAL B 119 -19.55 -44.14 11.62
CA VAL B 119 -19.73 -44.44 13.04
C VAL B 119 -19.78 -45.96 13.20
N SER B 120 -19.02 -46.48 14.15
CA SER B 120 -18.97 -47.93 14.35
C SER B 120 -20.31 -48.46 14.84
N ASP B 121 -21.12 -47.62 15.48
CA ASP B 121 -22.43 -48.01 15.98
C ASP B 121 -23.51 -47.22 15.24
N ARG B 122 -24.62 -47.88 14.93
CA ARG B 122 -25.75 -47.22 14.31
C ARG B 122 -26.41 -46.27 15.31
N LEU B 123 -26.45 -44.99 14.97
CA LEU B 123 -27.00 -43.99 15.87
C LEU B 123 -28.52 -44.13 15.97
N ASP B 124 -29.09 -43.48 16.98
CA ASP B 124 -30.53 -43.43 17.14
C ASP B 124 -31.09 -42.25 16.35
N LEU B 125 -32.02 -42.53 15.42
CA LEU B 125 -32.54 -41.47 14.56
C LEU B 125 -33.29 -40.42 15.36
N ASP B 126 -34.05 -40.85 16.37
CA ASP B 126 -34.82 -39.89 17.16
C ASP B 126 -33.91 -39.02 18.02
N VAL B 127 -32.86 -39.62 18.60
CA VAL B 127 -31.90 -38.82 19.36
C VAL B 127 -31.08 -37.94 18.41
N LEU B 128 -30.74 -38.47 17.23
CA LEU B 128 -30.03 -37.67 16.24
C LEU B 128 -30.88 -36.51 15.76
N ARG B 129 -32.20 -36.73 15.62
CA ARG B 129 -33.09 -35.65 15.23
C ARG B 129 -33.11 -34.55 16.28
N ALA B 130 -33.23 -34.94 17.57
CA ALA B 130 -33.20 -33.95 18.64
C ALA B 130 -31.87 -33.23 18.69
N ALA B 131 -30.77 -33.96 18.44
CA ALA B 131 -29.45 -33.33 18.44
C ALA B 131 -29.31 -32.31 17.32
N VAL B 132 -29.95 -32.55 16.18
CA VAL B 132 -29.88 -31.58 15.08
C VAL B 132 -30.67 -30.33 15.43
N ARG B 133 -31.83 -30.49 16.07
CA ARG B 133 -32.63 -29.33 16.48
C ARG B 133 -31.84 -28.45 17.44
N ASP B 134 -31.13 -29.05 18.38
CA ASP B 134 -30.26 -28.27 19.27
C ASP B 134 -29.14 -27.61 18.49
N LEU B 135 -28.50 -28.35 17.58
CA LEU B 135 -27.45 -27.77 16.75
C LEU B 135 -27.97 -26.63 15.91
N VAL B 136 -29.21 -26.75 15.42
CA VAL B 136 -29.80 -25.70 14.61
C VAL B 136 -30.24 -24.52 15.47
N ALA B 137 -30.80 -24.79 16.64
CA ALA B 137 -31.19 -23.71 17.55
C ALA B 137 -29.98 -22.94 18.05
N ARG B 138 -28.82 -23.60 18.18
CA ARG B 138 -27.63 -22.92 18.67
C ARG B 138 -27.06 -21.96 17.64
N HIS B 139 -26.92 -22.43 16.39
CA HIS B 139 -26.33 -21.63 15.32
C HIS B 139 -27.43 -21.07 14.45
N GLU B 140 -27.66 -19.75 14.56
CA GLU B 140 -28.72 -19.11 13.77
C GLU B 140 -28.48 -19.21 12.28
N VAL B 141 -27.23 -19.44 11.85
CA VAL B 141 -26.95 -19.56 10.42
C VAL B 141 -27.53 -20.83 9.84
N LEU B 142 -27.81 -21.84 10.67
CA LEU B 142 -28.37 -23.09 10.19
C LEU B 142 -29.89 -23.07 10.07
N ARG B 143 -30.56 -22.03 10.59
CA ARG B 143 -31.99 -21.88 10.43
C ARG B 143 -32.35 -20.55 9.76
N THR B 144 -31.39 -19.93 9.08
CA THR B 144 -31.63 -18.69 8.37
C THR B 144 -31.99 -19.00 6.92
N LEU B 145 -33.21 -18.63 6.52
CA LEU B 145 -33.65 -18.78 5.15
C LEU B 145 -33.29 -17.53 4.35
N VAL B 146 -33.15 -17.71 3.04
CA VAL B 146 -32.81 -16.63 2.13
C VAL B 146 -33.87 -16.61 1.04
N ARG B 147 -34.84 -15.70 1.16
CA ARG B 147 -35.89 -15.55 0.17
C ARG B 147 -35.49 -14.50 -0.86
N SER B 148 -36.06 -14.63 -2.06
CA SER B 148 -35.73 -13.75 -3.17
C SER B 148 -36.69 -12.57 -3.21
N SER B 149 -36.13 -11.37 -3.40
CA SER B 149 -36.88 -10.14 -3.58
C SER B 149 -36.51 -9.50 -4.91
N ASP B 150 -37.22 -8.43 -5.25
CA ASP B 150 -36.91 -7.70 -6.47
C ASP B 150 -35.46 -7.21 -6.46
N ASP B 151 -35.04 -6.59 -5.36
CA ASP B 151 -33.70 -6.01 -5.27
C ASP B 151 -32.64 -7.05 -4.93
N GLY B 152 -33.03 -8.22 -4.46
CA GLY B 152 -32.07 -9.27 -4.14
C GLY B 152 -32.55 -10.20 -3.05
N PRO B 153 -31.61 -10.75 -2.29
CA PRO B 153 -31.97 -11.69 -1.23
C PRO B 153 -32.26 -11.01 0.09
N ASP B 154 -33.11 -11.67 0.89
CA ASP B 154 -33.52 -11.17 2.19
C ASP B 154 -33.42 -12.30 3.21
N PRO B 155 -32.73 -12.11 4.32
CA PRO B 155 -32.62 -13.19 5.32
C PRO B 155 -33.92 -13.35 6.10
N VAL B 156 -34.24 -14.60 6.41
CA VAL B 156 -35.39 -14.94 7.23
C VAL B 156 -34.91 -15.93 8.29
N LEU B 157 -34.83 -15.48 9.54
CA LEU B 157 -34.37 -16.33 10.64
C LEU B 157 -35.55 -17.08 11.22
N LEU B 158 -35.58 -18.40 11.01
CA LEU B 158 -36.62 -19.23 11.58
C LEU B 158 -36.38 -19.43 13.06
N ALA B 159 -37.46 -19.42 13.84
CA ALA B 159 -37.37 -19.73 15.25
C ALA B 159 -36.97 -21.20 15.42
N PRO B 160 -36.35 -21.56 16.55
CA PRO B 160 -35.95 -22.96 16.75
C PRO B 160 -37.11 -23.94 16.64
N GLU B 161 -38.31 -23.55 17.05
CA GLU B 161 -39.47 -24.43 16.94
C GLU B 161 -40.12 -24.38 15.56
N ASP B 162 -39.73 -23.43 14.71
CA ASP B 162 -40.24 -23.35 13.35
C ASP B 162 -39.29 -23.93 12.32
N ALA B 163 -38.02 -24.15 12.68
CA ALA B 163 -37.04 -24.68 11.75
C ALA B 163 -37.23 -26.19 11.66
N ALA B 164 -37.94 -26.63 10.62
CA ALA B 164 -38.17 -28.05 10.41
C ALA B 164 -36.88 -28.71 9.94
N VAL B 165 -36.23 -29.46 10.84
CA VAL B 165 -34.99 -30.12 10.48
C VAL B 165 -35.28 -31.26 9.50
N ASP B 166 -34.25 -31.63 8.74
CA ASP B 166 -34.34 -32.68 7.72
C ASP B 166 -33.30 -33.74 8.07
N VAL B 167 -33.73 -34.77 8.80
CA VAL B 167 -32.89 -35.92 9.10
C VAL B 167 -33.64 -37.18 8.69
N ALA B 168 -32.93 -38.14 8.14
CA ALA B 168 -33.56 -39.36 7.64
C ALA B 168 -32.51 -40.46 7.57
N GLU B 169 -32.99 -41.69 7.71
CA GLU B 169 -32.15 -42.86 7.52
C GLU B 169 -32.24 -43.31 6.06
N VAL B 170 -31.09 -43.63 5.47
CA VAL B 170 -31.00 -44.05 4.08
C VAL B 170 -30.38 -45.44 4.04
N GLN B 171 -31.01 -46.35 3.32
CA GLN B 171 -30.53 -47.71 3.20
C GLN B 171 -29.61 -47.82 1.99
N ALA B 172 -28.36 -48.24 2.22
CA ALA B 172 -27.39 -48.38 1.15
C ALA B 172 -27.66 -49.66 0.36
N ALA B 173 -27.82 -49.50 -0.96
CA ALA B 173 -28.04 -50.67 -1.81
C ALA B 173 -26.78 -51.53 -1.91
N GLY B 174 -25.61 -50.89 -1.99
CA GLY B 174 -24.36 -51.59 -2.12
C GLY B 174 -23.18 -50.66 -1.92
N PRO B 175 -22.88 -49.86 -2.95
CA PRO B 175 -21.80 -48.87 -2.81
C PRO B 175 -22.23 -47.73 -1.89
N VAL B 176 -21.38 -47.41 -0.92
CA VAL B 176 -21.69 -46.30 -0.02
C VAL B 176 -21.14 -44.98 -0.55
N ALA B 177 -20.04 -45.02 -1.30
CA ALA B 177 -19.41 -43.78 -1.75
C ALA B 177 -20.24 -43.10 -2.82
N ASP B 178 -20.75 -43.87 -3.80
CA ASP B 178 -21.58 -43.28 -4.83
C ASP B 178 -22.89 -42.75 -4.28
N LEU B 179 -23.45 -43.43 -3.26
CA LEU B 179 -24.62 -42.92 -2.57
C LEU B 179 -24.35 -41.54 -1.96
N LEU B 180 -23.13 -41.33 -1.46
CA LEU B 180 -22.81 -40.06 -0.81
C LEU B 180 -22.82 -38.90 -1.79
N ALA B 181 -22.31 -39.12 -3.00
CA ALA B 181 -22.26 -38.05 -4.00
C ALA B 181 -23.65 -37.55 -4.36
N GLU B 182 -24.60 -38.47 -4.50
CA GLU B 182 -25.95 -38.09 -4.91
C GLU B 182 -26.63 -37.29 -3.80
N LEU B 183 -26.59 -37.79 -2.56
CA LEU B 183 -27.23 -37.08 -1.46
C LEU B 183 -26.62 -35.69 -1.27
N THR B 184 -25.32 -35.55 -1.53
CA THR B 184 -24.68 -34.25 -1.40
C THR B 184 -25.16 -33.30 -2.50
N ALA B 185 -25.30 -33.80 -3.73
CA ALA B 185 -25.69 -32.97 -4.86
C ALA B 185 -27.16 -32.59 -4.85
N GLN B 186 -27.97 -33.20 -3.99
CA GLN B 186 -29.39 -32.90 -3.96
C GLN B 186 -29.60 -31.42 -3.63
N PRO B 187 -30.45 -30.71 -4.37
CA PRO B 187 -30.48 -29.25 -4.25
C PRO B 187 -31.15 -28.79 -2.97
N PHE B 188 -30.75 -27.60 -2.53
CA PHE B 188 -31.36 -26.94 -1.38
C PHE B 188 -32.28 -25.83 -1.88
N ASP B 189 -33.48 -25.76 -1.32
CA ASP B 189 -34.39 -24.64 -1.57
C ASP B 189 -34.19 -23.64 -0.44
N LEU B 190 -33.29 -22.68 -0.67
CA LEU B 190 -32.88 -21.74 0.37
C LEU B 190 -34.01 -20.86 0.87
N ALA B 191 -35.14 -20.83 0.19
CA ALA B 191 -36.27 -20.01 0.63
C ALA B 191 -37.25 -20.76 1.52
N THR B 192 -37.17 -22.09 1.57
CA THR B 192 -38.12 -22.87 2.35
C THR B 192 -37.43 -23.88 3.26
N GLN B 193 -36.31 -24.43 2.82
CA GLN B 193 -35.57 -25.44 3.57
C GLN B 193 -34.39 -24.81 4.27
N ILE B 194 -34.12 -25.26 5.49
CA ILE B 194 -32.93 -24.83 6.24
C ILE B 194 -31.71 -25.39 5.52
N PRO B 195 -30.58 -24.68 5.53
CA PRO B 195 -29.44 -25.10 4.70
C PRO B 195 -28.63 -26.24 5.29
N LEU B 196 -29.27 -27.12 6.05
CA LEU B 196 -28.59 -28.26 6.66
C LEU B 196 -29.44 -29.51 6.49
N ARG B 197 -28.91 -30.49 5.79
CA ARG B 197 -29.51 -31.81 5.65
C ARG B 197 -28.61 -32.82 6.34
N VAL B 198 -29.23 -33.80 7.01
CA VAL B 198 -28.50 -34.83 7.73
C VAL B 198 -29.05 -36.19 7.29
N ARG B 199 -28.14 -37.10 6.91
CA ARG B 199 -28.51 -38.44 6.51
C ARG B 199 -27.73 -39.46 7.32
N MET B 200 -28.42 -40.51 7.75
CA MET B 200 -27.79 -41.66 8.41
C MET B 200 -27.90 -42.84 7.46
N ILE B 201 -26.76 -43.27 6.92
CA ILE B 201 -26.73 -44.34 5.92
C ILE B 201 -26.39 -45.64 6.62
N THR B 202 -27.31 -46.60 6.57
CA THR B 202 -27.11 -47.96 7.06
C THR B 202 -27.22 -48.91 5.88
N GLY B 203 -27.06 -50.21 6.16
CA GLY B 203 -27.35 -51.20 5.15
C GLY B 203 -26.36 -52.34 5.18
N GLU B 204 -26.31 -53.06 4.06
CA GLU B 204 -25.59 -54.32 3.89
C GLU B 204 -24.09 -54.18 4.16
N GLN B 205 -23.37 -53.52 3.26
CA GLN B 205 -21.92 -53.40 3.31
C GLN B 205 -21.45 -52.28 4.24
N VAL B 206 -22.23 -51.92 5.25
CA VAL B 206 -21.90 -50.80 6.13
C VAL B 206 -21.86 -51.32 7.57
N ASP B 207 -20.71 -51.17 8.21
CA ASP B 207 -20.55 -51.55 9.61
C ASP B 207 -20.90 -50.35 10.48
N GLY B 208 -22.02 -50.44 11.18
CA GLY B 208 -22.52 -49.31 11.98
C GLY B 208 -23.42 -48.39 11.14
N CYS B 209 -22.92 -47.21 10.83
CA CYS B 209 -23.66 -46.25 10.00
C CYS B 209 -22.69 -45.16 9.55
N VAL B 210 -23.05 -44.51 8.45
CA VAL B 210 -22.31 -43.35 7.95
C VAL B 210 -23.20 -42.13 8.12
N LEU B 211 -22.80 -41.24 9.02
CA LEU B 211 -23.53 -40.01 9.29
C LEU B 211 -23.06 -38.96 8.30
N LEU B 212 -23.96 -38.55 7.41
CA LEU B 212 -23.63 -37.59 6.35
C LEU B 212 -24.30 -36.26 6.66
N LEU B 213 -23.48 -35.23 6.86
CA LEU B 213 -23.96 -33.87 7.03
C LEU B 213 -23.74 -33.11 5.72
N VAL B 214 -24.82 -32.60 5.16
CA VAL B 214 -24.76 -31.79 3.94
C VAL B 214 -25.25 -30.39 4.28
N CYS B 215 -24.40 -29.40 4.09
CA CYS B 215 -24.75 -28.01 4.27
C CYS B 215 -24.62 -27.29 2.94
N HIS B 216 -25.49 -26.32 2.70
CA HIS B 216 -25.23 -25.37 1.64
C HIS B 216 -24.15 -24.40 2.10
N HIS B 217 -23.25 -24.04 1.19
CA HIS B 217 -22.13 -23.18 1.55
C HIS B 217 -22.59 -21.85 2.13
N ILE B 218 -23.85 -21.47 1.93
CA ILE B 218 -24.36 -20.24 2.49
C ILE B 218 -24.31 -20.26 4.02
N ALA B 219 -24.23 -21.44 4.63
CA ALA B 219 -24.26 -21.58 6.07
C ALA B 219 -23.02 -22.21 6.68
N ALA B 220 -22.10 -22.73 5.87
CA ALA B 220 -20.93 -23.41 6.41
C ALA B 220 -19.86 -23.53 5.34
N ASP B 221 -18.61 -23.41 5.75
CA ASP B 221 -17.47 -23.72 4.91
C ASP B 221 -16.76 -24.95 5.44
N GLU B 222 -15.68 -25.35 4.77
CA GLU B 222 -14.92 -26.50 5.21
C GLU B 222 -14.27 -26.29 6.58
N TRP B 223 -14.10 -25.03 6.99
CA TRP B 223 -13.57 -24.71 8.31
C TRP B 223 -14.59 -24.93 9.41
N SER B 224 -15.87 -25.15 9.07
CA SER B 224 -16.93 -25.37 10.05
C SER B 224 -17.12 -26.84 10.38
N PHE B 225 -16.31 -27.74 9.82
CA PHE B 225 -16.48 -29.17 10.06
C PHE B 225 -16.28 -29.51 11.54
N ALA B 226 -15.23 -28.96 12.14
CA ALA B 226 -14.95 -29.28 13.55
C ALA B 226 -16.04 -28.74 14.47
N PRO B 227 -16.45 -27.47 14.41
CA PRO B 227 -17.54 -27.03 15.30
C PRO B 227 -18.86 -27.73 15.03
N LEU B 228 -19.14 -28.10 13.78
CA LEU B 228 -20.35 -28.86 13.49
C LEU B 228 -20.32 -30.22 14.18
N LEU B 229 -19.19 -30.93 14.07
CA LEU B 229 -19.09 -32.23 14.72
C LEU B 229 -19.04 -32.10 16.23
N ARG B 230 -18.35 -31.07 16.74
CA ARG B 230 -18.21 -30.90 18.18
C ARG B 230 -19.58 -30.66 18.83
N ASP B 231 -20.34 -29.69 18.30
CA ASP B 231 -21.64 -29.39 18.89
C ASP B 231 -22.65 -30.51 18.64
N LEU B 232 -22.51 -31.24 17.53
CA LEU B 232 -23.41 -32.37 17.31
C LEU B 232 -23.06 -33.55 18.22
N ASP B 233 -21.79 -33.69 18.58
CA ASP B 233 -21.40 -34.76 19.48
C ASP B 233 -21.92 -34.51 20.89
N THR B 234 -21.78 -33.29 21.38
CA THR B 234 -22.29 -32.96 22.71
C THR B 234 -23.81 -32.95 22.73
N ALA B 235 -24.45 -32.48 21.65
CA ALA B 235 -25.90 -32.46 21.60
C ALA B 235 -26.48 -33.87 21.56
N TYR B 236 -25.81 -34.79 20.86
CA TYR B 236 -26.30 -36.16 20.78
C TYR B 236 -26.19 -36.86 22.14
N ARG B 237 -25.01 -36.79 22.77
CA ARG B 237 -24.81 -37.46 24.05
C ARG B 237 -25.69 -36.89 25.14
N ALA B 238 -26.12 -35.62 25.02
CA ALA B 238 -27.03 -35.05 26.00
C ALA B 238 -28.46 -35.56 25.79
N ARG B 239 -28.92 -35.57 24.54
CA ARG B 239 -30.27 -36.04 24.26
C ARG B 239 -30.39 -37.55 24.48
N ALA B 240 -29.27 -38.27 24.38
CA ALA B 240 -29.31 -39.69 24.70
C ALA B 240 -29.44 -39.91 26.20
N ALA B 241 -29.03 -38.93 27.00
CA ALA B 241 -29.22 -38.96 28.43
C ALA B 241 -30.50 -38.26 28.88
N GLY B 242 -31.34 -37.87 27.93
CA GLY B 242 -32.63 -37.25 28.23
C GLY B 242 -32.58 -35.79 28.60
N ARG B 243 -31.47 -35.11 28.35
CA ARG B 243 -31.29 -33.73 28.79
C ARG B 243 -30.97 -32.83 27.60
N ALA B 244 -31.32 -31.55 27.75
CA ALA B 244 -30.86 -30.54 26.82
C ALA B 244 -29.37 -30.33 27.00
N PRO B 245 -28.63 -30.04 25.93
CA PRO B 245 -27.18 -29.91 26.06
C PRO B 245 -26.79 -28.66 26.82
N ASP B 246 -25.76 -28.79 27.66
CA ASP B 246 -25.26 -27.68 28.46
C ASP B 246 -24.38 -26.81 27.57
N TRP B 247 -25.00 -25.82 26.93
CA TRP B 247 -24.30 -24.90 26.05
C TRP B 247 -23.74 -23.73 26.86
N GLU B 248 -22.46 -23.44 26.67
CA GLU B 248 -21.97 -22.09 26.90
C GLU B 248 -22.29 -21.29 25.63
N PRO B 249 -23.03 -20.18 25.73
CA PRO B 249 -23.45 -19.47 24.52
C PRO B 249 -22.27 -19.10 23.63
N LEU B 250 -22.55 -19.03 22.32
CA LEU B 250 -21.51 -18.70 21.37
C LEU B 250 -20.99 -17.29 21.64
N PRO B 251 -19.69 -17.05 21.46
CA PRO B 251 -19.19 -15.67 21.54
C PRO B 251 -19.84 -14.76 20.52
N ALA B 252 -20.33 -15.30 19.42
CA ALA B 252 -20.97 -14.51 18.38
C ALA B 252 -21.79 -15.41 17.46
N GLN B 253 -22.90 -14.88 16.98
CA GLN B 253 -23.64 -15.50 15.90
C GLN B 253 -23.11 -14.97 14.56
N TYR B 254 -23.41 -15.72 13.49
CA TYR B 254 -22.90 -15.31 12.19
C TYR B 254 -23.39 -13.92 11.80
N SER B 255 -24.64 -13.60 12.15
CA SER B 255 -25.18 -12.28 11.82
C SER B 255 -24.40 -11.18 12.52
N ASP B 256 -23.93 -11.42 13.75
CA ASP B 256 -23.10 -10.43 14.44
C ASP B 256 -21.78 -10.22 13.70
N TYR B 257 -21.22 -11.28 13.13
CA TYR B 257 -20.01 -11.14 12.34
C TYR B 257 -20.28 -10.37 11.05
N ALA B 258 -21.43 -10.61 10.42
CA ALA B 258 -21.76 -9.92 9.18
C ALA B 258 -21.99 -8.43 9.42
N ALA B 259 -22.70 -8.09 10.50
CA ALA B 259 -22.93 -6.69 10.81
C ALA B 259 -21.62 -5.95 11.04
N THR B 260 -20.74 -6.51 11.89
CA THR B 260 -19.45 -5.89 12.14
C THR B 260 -18.64 -5.75 10.86
N LEU B 261 -18.60 -6.82 10.05
CA LEU B 261 -17.84 -6.77 8.81
C LEU B 261 -18.42 -5.75 7.82
N HIS B 262 -19.75 -5.70 7.71
CA HIS B 262 -20.37 -4.76 6.79
C HIS B 262 -20.12 -3.32 7.23
N ASP B 263 -20.23 -3.05 8.53
CA ASP B 263 -19.99 -1.70 9.04
C ASP B 263 -18.53 -1.29 8.83
N TRP B 264 -17.60 -2.21 9.03
CA TRP B 264 -16.19 -1.87 8.89
C TRP B 264 -15.78 -1.71 7.43
N LEU B 265 -16.37 -2.50 6.54
CA LEU B 265 -15.98 -2.41 5.12
C LEU B 265 -16.37 -1.06 4.52
N GLY B 266 -17.54 -0.55 4.89
CA GLY B 266 -18.00 0.71 4.33
C GLY B 266 -18.53 0.55 2.92
N GLU B 267 -18.72 1.68 2.28
CA GLU B 267 -19.24 1.73 0.92
C GLU B 267 -18.12 2.01 -0.07
N ALA B 268 -18.28 1.49 -1.29
CA ALA B 268 -17.27 1.68 -2.32
C ALA B 268 -17.17 3.13 -2.78
N THR B 269 -18.17 3.96 -2.46
CA THR B 269 -18.13 5.38 -2.82
C THR B 269 -17.29 6.21 -1.86
N ASP B 270 -16.90 5.65 -0.71
CA ASP B 270 -16.10 6.39 0.27
C ASP B 270 -14.63 6.09 0.02
N PRO B 271 -13.83 7.04 -0.46
CA PRO B 271 -12.41 6.74 -0.75
C PRO B 271 -11.59 6.36 0.46
N ALA B 272 -12.07 6.60 1.68
CA ALA B 272 -11.36 6.22 2.89
C ALA B 272 -11.81 4.89 3.46
N SER B 273 -12.87 4.30 2.92
CA SER B 273 -13.36 3.03 3.44
C SER B 273 -12.38 1.90 3.11
N PRO B 274 -12.28 0.89 3.96
CA PRO B 274 -11.43 -0.27 3.62
C PRO B 274 -11.86 -0.96 2.35
N LEU B 275 -13.15 -0.90 1.99
CA LEU B 275 -13.61 -1.51 0.76
C LEU B 275 -12.97 -0.84 -0.46
N ARG B 276 -13.08 0.48 -0.56
CA ARG B 276 -12.55 1.18 -1.72
C ARG B 276 -11.03 1.08 -1.77
N ARG B 277 -10.36 1.18 -0.62
CA ARG B 277 -8.91 1.10 -0.59
C ARG B 277 -8.42 -0.26 -1.09
N GLN B 278 -9.09 -1.33 -0.66
CA GLN B 278 -8.70 -2.66 -1.13
C GLN B 278 -9.12 -2.87 -2.59
N LEU B 279 -10.28 -2.34 -2.98
CA LEU B 279 -10.70 -2.45 -4.36
C LEU B 279 -9.74 -1.70 -5.29
N ASP B 280 -9.21 -0.57 -4.82
CA ASP B 280 -8.24 0.17 -5.63
C ASP B 280 -6.98 -0.64 -5.86
N TYR B 281 -6.57 -1.43 -4.86
CA TYR B 281 -5.41 -2.29 -5.03
C TYR B 281 -5.67 -3.37 -6.08
N TRP B 282 -6.84 -4.02 -6.02
CA TRP B 282 -7.14 -5.10 -6.95
C TRP B 282 -7.36 -4.58 -8.36
N GLN B 283 -7.86 -3.35 -8.50
CA GLN B 283 -8.03 -2.76 -9.83
C GLN B 283 -6.70 -2.67 -10.56
N HIS B 284 -5.62 -2.35 -9.84
CA HIS B 284 -4.30 -2.26 -10.44
C HIS B 284 -3.57 -3.59 -10.47
N ALA B 285 -3.82 -4.46 -9.49
CA ALA B 285 -3.10 -5.73 -9.43
C ALA B 285 -3.57 -6.69 -10.52
N LEU B 286 -4.82 -6.56 -10.96
CA LEU B 286 -5.38 -7.44 -11.98
C LEU B 286 -5.57 -6.72 -13.31
N GLN B 287 -4.73 -5.73 -13.60
CA GLN B 287 -4.81 -5.01 -14.86
C GLN B 287 -4.35 -5.91 -16.01
N ASP B 288 -5.08 -5.85 -17.12
CA ASP B 288 -4.76 -6.63 -18.32
C ASP B 288 -4.70 -8.12 -18.02
N LEU B 289 -5.65 -8.59 -17.22
CA LEU B 289 -5.71 -10.00 -16.89
C LEU B 289 -6.16 -10.81 -18.12
N PRO B 290 -5.58 -11.99 -18.33
CA PRO B 290 -6.07 -12.85 -19.42
C PRO B 290 -7.51 -13.25 -19.17
N ASP B 291 -8.28 -13.31 -20.26
CA ASP B 291 -9.67 -13.78 -20.13
C ASP B 291 -9.71 -15.22 -19.64
N GLU B 292 -8.86 -16.08 -20.21
CA GLU B 292 -8.73 -17.45 -19.75
C GLU B 292 -7.38 -17.98 -20.24
N LEU B 293 -6.88 -18.98 -19.52
CA LEU B 293 -5.58 -19.57 -19.84
C LEU B 293 -5.72 -20.69 -20.86
N ASP B 294 -4.71 -20.82 -21.72
CA ASP B 294 -4.67 -21.90 -22.70
C ASP B 294 -4.41 -23.22 -22.02
N LEU B 295 -5.46 -23.90 -21.58
CA LEU B 295 -5.33 -25.17 -20.88
C LEU B 295 -5.60 -26.33 -21.82
N PRO B 296 -4.96 -27.49 -21.60
CA PRO B 296 -5.19 -28.65 -22.47
C PRO B 296 -6.50 -29.37 -22.15
N THR B 297 -7.58 -29.00 -22.83
CA THR B 297 -8.88 -29.60 -22.61
C THR B 297 -9.15 -30.66 -23.67
N ASP B 298 -10.07 -31.57 -23.34
CA ASP B 298 -10.50 -32.60 -24.27
C ASP B 298 -11.71 -32.20 -25.10
N ARG B 299 -12.45 -31.19 -24.65
CA ARG B 299 -13.63 -30.69 -25.37
C ARG B 299 -13.65 -29.18 -25.28
N PRO B 300 -14.26 -28.51 -26.25
CA PRO B 300 -14.36 -27.05 -26.17
C PRO B 300 -15.24 -26.63 -25.02
N ARG B 301 -15.08 -25.37 -24.62
CA ARG B 301 -15.89 -24.81 -23.55
C ARG B 301 -17.33 -24.68 -24.01
N PRO B 302 -18.28 -25.40 -23.42
CA PRO B 302 -19.67 -25.26 -23.83
C PRO B 302 -20.21 -23.88 -23.51
N ALA B 303 -21.32 -23.53 -24.18
CA ALA B 303 -21.90 -22.20 -24.01
C ALA B 303 -22.30 -21.94 -22.56
N THR B 304 -22.84 -22.95 -21.89
CA THR B 304 -23.24 -22.85 -20.50
C THR B 304 -22.43 -23.85 -19.67
N ALA B 305 -21.80 -23.36 -18.61
CA ALA B 305 -21.08 -24.23 -17.68
C ALA B 305 -22.07 -25.10 -16.93
N SER B 306 -22.06 -26.40 -17.23
CA SER B 306 -23.03 -27.31 -16.62
C SER B 306 -22.73 -27.58 -15.15
N HIS B 307 -21.52 -27.27 -14.69
CA HIS B 307 -21.05 -27.57 -13.33
C HIS B 307 -20.99 -29.07 -13.06
N ARG B 308 -21.05 -29.91 -14.10
CA ARG B 308 -20.76 -31.33 -13.92
C ARG B 308 -19.27 -31.50 -13.64
N GLY B 309 -18.95 -32.44 -12.75
CA GLY B 309 -17.55 -32.57 -12.39
C GLY B 309 -17.22 -33.95 -11.88
N GLY B 310 -15.91 -34.18 -11.73
CA GLY B 310 -15.40 -35.39 -11.13
C GLY B 310 -14.30 -35.06 -10.12
N LEU B 311 -13.82 -36.10 -9.46
CA LEU B 311 -12.78 -35.97 -8.45
C LEU B 311 -11.65 -36.92 -8.79
N ALA B 312 -10.47 -36.35 -9.05
CA ALA B 312 -9.26 -37.12 -9.31
C ALA B 312 -8.30 -36.92 -8.15
N ARG B 313 -7.89 -38.01 -7.52
CA ARG B 313 -7.03 -37.96 -6.36
C ARG B 313 -5.61 -38.41 -6.72
N ALA B 314 -4.64 -37.83 -6.03
CA ALA B 314 -3.24 -38.23 -6.14
C ALA B 314 -2.74 -38.46 -4.71
N GLU B 315 -2.60 -39.72 -4.33
CA GLU B 315 -2.10 -40.03 -3.00
C GLU B 315 -0.68 -39.53 -2.84
N LEU B 316 -0.35 -39.02 -1.65
CA LEU B 316 0.96 -38.44 -1.39
C LEU B 316 1.71 -39.32 -0.41
N PRO B 317 2.91 -39.78 -0.76
CA PRO B 317 3.72 -40.53 0.20
C PRO B 317 4.14 -39.63 1.34
N PRO B 318 4.02 -40.09 2.59
CA PRO B 318 4.41 -39.27 3.74
C PRO B 318 5.80 -38.68 3.65
N GLU B 319 6.74 -39.35 2.97
CA GLU B 319 8.08 -38.79 2.81
C GLU B 319 8.05 -37.56 1.91
N LEU B 320 7.15 -37.52 0.93
CA LEU B 320 7.04 -36.34 0.08
C LEU B 320 6.36 -35.20 0.82
N VAL B 321 5.35 -35.52 1.65
CA VAL B 321 4.70 -34.50 2.46
C VAL B 321 5.72 -33.82 3.37
N GLU B 322 6.56 -34.62 4.04
CA GLU B 322 7.60 -34.05 4.89
C GLU B 322 8.63 -33.28 4.08
N ALA B 323 8.91 -33.74 2.85
CA ALA B 323 9.84 -33.00 1.99
C ALA B 323 9.25 -31.66 1.56
N VAL B 324 7.94 -31.61 1.33
CA VAL B 324 7.29 -30.34 1.02
C VAL B 324 7.33 -29.41 2.23
N ARG B 325 7.11 -29.96 3.43
CA ARG B 325 7.17 -29.16 4.65
C ARG B 325 8.54 -28.55 4.84
N ARG B 326 9.59 -29.37 4.66
CA ARG B 326 10.95 -28.86 4.82
C ARG B 326 11.28 -27.83 3.74
N LEU B 327 10.79 -28.05 2.52
CA LEU B 327 10.99 -27.07 1.47
C LEU B 327 10.31 -25.75 1.81
N ALA B 328 9.10 -25.81 2.37
CA ALA B 328 8.41 -24.60 2.79
C ALA B 328 9.15 -23.93 3.94
N ALA B 329 9.57 -24.71 4.94
CA ALA B 329 10.28 -24.15 6.08
C ALA B 329 11.61 -23.54 5.69
N GLN B 330 12.32 -24.13 4.70
CA GLN B 330 13.56 -23.56 4.23
C GLN B 330 13.32 -22.15 3.69
N HIS B 331 12.57 -22.06 2.59
CA HIS B 331 12.45 -20.80 1.86
C HIS B 331 11.55 -19.79 2.54
N GLY B 332 11.06 -20.08 3.73
CA GLY B 332 10.20 -19.14 4.44
C GLY B 332 8.87 -18.92 3.77
N VAL B 333 8.25 -19.99 3.27
CA VAL B 333 6.93 -19.92 2.68
C VAL B 333 6.06 -20.99 3.33
N THR B 334 4.75 -20.86 3.13
CA THR B 334 3.82 -21.86 3.63
C THR B 334 3.74 -23.04 2.65
N VAL B 335 3.15 -24.14 3.14
CA VAL B 335 2.92 -25.30 2.28
C VAL B 335 2.00 -24.91 1.13
N PHE B 336 1.02 -24.05 1.40
CA PHE B 336 0.10 -23.63 0.35
C PHE B 336 0.84 -22.92 -0.78
N MET B 337 1.83 -22.07 -0.43
CA MET B 337 2.56 -21.35 -1.46
C MET B 337 3.39 -22.29 -2.33
N VAL B 338 3.86 -23.40 -1.77
CA VAL B 338 4.58 -24.39 -2.58
C VAL B 338 3.60 -25.10 -3.53
N VAL B 339 2.42 -25.45 -3.02
CA VAL B 339 1.42 -26.08 -3.88
C VAL B 339 0.97 -25.11 -4.96
N GLN B 340 0.73 -23.85 -4.58
CA GLN B 340 0.33 -22.84 -5.56
C GLN B 340 1.41 -22.64 -6.61
N ALA B 341 2.67 -22.57 -6.18
CA ALA B 341 3.77 -22.43 -7.15
C ALA B 341 3.86 -23.65 -8.05
N ALA B 342 3.66 -24.84 -7.49
CA ALA B 342 3.70 -26.06 -8.29
C ALA B 342 2.56 -26.10 -9.30
N VAL B 343 1.38 -25.63 -8.91
CA VAL B 343 0.26 -25.55 -9.85
C VAL B 343 0.59 -24.56 -10.97
N ALA B 344 1.14 -23.40 -10.62
CA ALA B 344 1.51 -22.42 -11.63
C ALA B 344 2.56 -22.97 -12.59
N VAL B 345 3.49 -23.80 -12.07
CA VAL B 345 4.48 -24.42 -12.94
C VAL B 345 3.81 -25.39 -13.90
N LEU B 346 2.89 -26.21 -13.38
CA LEU B 346 2.20 -27.20 -14.22
C LEU B 346 1.47 -26.52 -15.37
N LEU B 347 0.68 -25.48 -15.08
CA LEU B 347 -0.04 -24.80 -16.15
C LEU B 347 0.92 -24.11 -17.11
N HIS B 348 2.01 -23.55 -16.59
CA HIS B 348 2.99 -22.89 -17.45
C HIS B 348 3.61 -23.87 -18.44
N ARG B 349 3.89 -25.09 -17.98
CA ARG B 349 4.46 -26.10 -18.88
C ARG B 349 3.44 -26.64 -19.87
N LEU B 350 2.15 -26.44 -19.62
CA LEU B 350 1.10 -26.89 -20.53
C LEU B 350 0.75 -25.83 -21.58
N GLY B 351 1.48 -24.72 -21.61
CA GLY B 351 1.24 -23.69 -22.60
C GLY B 351 0.35 -22.54 -22.17
N ALA B 352 0.12 -22.37 -20.86
CA ALA B 352 -0.74 -21.31 -20.39
C ALA B 352 -0.08 -19.93 -20.42
N GLY B 353 1.23 -19.88 -20.60
CA GLY B 353 1.93 -18.61 -20.64
C GLY B 353 2.67 -18.30 -19.35
N ASP B 354 2.97 -17.02 -19.17
CA ASP B 354 3.70 -16.55 -18.00
C ASP B 354 2.80 -15.87 -16.97
N ASP B 355 1.59 -15.47 -17.34
CA ASP B 355 0.66 -14.80 -16.45
C ASP B 355 -0.37 -15.83 -15.98
N ILE B 356 -0.18 -16.32 -14.76
CA ILE B 356 -1.02 -17.41 -14.22
C ILE B 356 -1.89 -16.89 -13.09
N PRO B 357 -3.12 -16.47 -13.35
CA PRO B 357 -4.04 -16.13 -12.25
C PRO B 357 -4.62 -17.40 -11.64
N LEU B 358 -4.48 -17.54 -10.33
CA LEU B 358 -4.97 -18.69 -9.59
C LEU B 358 -5.88 -18.21 -8.49
N GLY B 359 -7.12 -18.72 -8.47
CA GLY B 359 -8.01 -18.43 -7.36
C GLY B 359 -7.63 -19.22 -6.12
N SER B 360 -7.98 -18.67 -4.96
CA SER B 360 -7.65 -19.34 -3.72
C SER B 360 -8.55 -18.83 -2.60
N PRO B 361 -9.02 -19.71 -1.71
CA PRO B 361 -9.83 -19.23 -0.58
C PRO B 361 -8.98 -18.70 0.54
N VAL B 362 -9.49 -17.67 1.22
CA VAL B 362 -8.84 -17.09 2.38
C VAL B 362 -9.89 -16.98 3.48
N ALA B 363 -9.67 -17.66 4.60
CA ALA B 363 -10.63 -17.64 5.69
C ALA B 363 -10.53 -16.34 6.46
N ASP B 364 -11.69 -15.76 6.79
CA ASP B 364 -11.74 -14.52 7.56
C ASP B 364 -12.12 -14.82 9.00
N ARG B 365 -11.34 -15.66 9.68
CA ARG B 365 -11.64 -16.13 11.02
C ARG B 365 -10.59 -15.66 12.02
N ALA B 366 -10.07 -14.45 11.83
CA ALA B 366 -9.08 -13.92 12.75
C ALA B 366 -9.70 -13.60 14.10
N ASP B 367 -10.93 -13.11 14.11
CA ASP B 367 -11.59 -12.74 15.36
C ASP B 367 -11.81 -13.97 16.23
N GLU B 368 -11.52 -13.82 17.53
CA GLU B 368 -11.69 -14.93 18.46
C GLU B 368 -13.14 -15.40 18.52
N ALA B 369 -14.09 -14.49 18.32
CA ALA B 369 -15.50 -14.87 18.45
C ALA B 369 -15.99 -15.77 17.32
N VAL B 370 -15.30 -15.79 16.18
CA VAL B 370 -15.75 -16.56 15.03
C VAL B 370 -14.74 -17.62 14.61
N HIS B 371 -13.66 -17.80 15.38
CA HIS B 371 -12.61 -18.73 14.95
C HIS B 371 -13.09 -20.17 14.91
N ASP B 372 -14.02 -20.55 15.79
CA ASP B 372 -14.51 -21.91 15.87
C ASP B 372 -16.04 -21.97 15.73
N THR B 373 -16.62 -21.06 14.96
CA THR B 373 -18.06 -21.01 14.77
C THR B 373 -18.43 -21.52 13.38
N VAL B 374 -19.71 -21.86 13.22
CA VAL B 374 -20.22 -22.39 11.96
C VAL B 374 -20.63 -21.24 11.06
N GLY B 375 -20.20 -21.29 9.82
CA GLY B 375 -20.50 -20.24 8.86
C GLY B 375 -19.55 -20.31 7.69
N PHE B 376 -19.76 -19.39 6.76
CA PHE B 376 -18.93 -19.27 5.57
C PHE B 376 -18.07 -18.02 5.69
N PHE B 377 -16.75 -18.21 5.78
CA PHE B 377 -15.82 -17.11 5.93
C PHE B 377 -14.75 -17.09 4.84
N LEU B 378 -14.94 -17.86 3.77
CA LEU B 378 -13.91 -18.03 2.74
C LEU B 378 -14.11 -17.00 1.66
N ASN B 379 -13.28 -15.97 1.65
CA ASN B 379 -13.25 -15.07 0.50
C ASN B 379 -12.41 -15.70 -0.60
N THR B 380 -12.70 -15.32 -1.84
CA THR B 380 -11.97 -15.81 -3.00
C THR B 380 -11.04 -14.70 -3.50
N LEU B 381 -9.74 -15.01 -3.54
CA LEU B 381 -8.73 -14.06 -3.97
C LEU B 381 -8.08 -14.55 -5.26
N VAL B 382 -7.70 -13.62 -6.11
CA VAL B 382 -6.99 -13.92 -7.35
C VAL B 382 -5.50 -13.71 -7.10
N LEU B 383 -4.75 -14.80 -7.06
CA LEU B 383 -3.30 -14.75 -6.85
C LEU B 383 -2.62 -14.79 -8.22
N ARG B 384 -2.17 -13.63 -8.68
CA ARG B 384 -1.57 -13.49 -10.00
C ARG B 384 -0.07 -13.69 -9.87
N VAL B 385 0.40 -14.88 -10.24
CA VAL B 385 1.81 -15.22 -10.18
C VAL B 385 2.41 -15.13 -11.58
N ASN B 386 3.54 -14.44 -11.70
CA ASN B 386 4.22 -14.29 -12.98
C ASN B 386 5.42 -15.22 -13.04
N LEU B 387 5.61 -15.85 -14.20
CA LEU B 387 6.69 -16.80 -14.41
C LEU B 387 7.63 -16.36 -15.53
N SER B 388 7.59 -15.09 -15.92
CA SER B 388 8.46 -14.61 -16.97
C SER B 388 9.90 -14.47 -16.46
N GLY B 389 10.84 -14.55 -17.39
CA GLY B 389 12.25 -14.53 -17.04
C GLY B 389 12.83 -15.88 -16.68
N ASN B 390 12.09 -16.97 -16.92
CA ASN B 390 12.47 -18.34 -16.63
C ASN B 390 13.12 -18.46 -15.25
N PRO B 391 12.36 -18.30 -14.18
CA PRO B 391 12.96 -18.39 -12.84
C PRO B 391 13.07 -19.83 -12.37
N THR B 392 13.86 -20.01 -11.32
CA THR B 392 13.92 -21.28 -10.63
C THR B 392 12.72 -21.42 -9.70
N PHE B 393 12.51 -22.64 -9.19
CA PHE B 393 11.43 -22.85 -8.24
C PHE B 393 11.65 -22.05 -6.97
N ALA B 394 12.90 -21.99 -6.49
CA ALA B 394 13.21 -21.16 -5.34
C ALA B 394 12.91 -19.69 -5.62
N ASP B 395 13.21 -19.23 -6.83
CA ASP B 395 12.87 -17.86 -7.20
C ASP B 395 11.37 -17.67 -7.31
N LEU B 396 10.66 -18.70 -7.78
CA LEU B 396 9.21 -18.60 -7.89
C LEU B 396 8.55 -18.57 -6.53
N LEU B 397 9.09 -19.32 -5.57
CA LEU B 397 8.54 -19.29 -4.21
C LEU B 397 8.64 -17.89 -3.62
N ASP B 398 9.73 -17.17 -3.93
CA ASP B 398 9.84 -15.78 -3.50
C ASP B 398 8.81 -14.90 -4.19
N ARG B 399 8.56 -15.14 -5.49
CA ARG B 399 7.54 -14.39 -6.20
C ARG B 399 6.15 -14.69 -5.63
N VAL B 400 5.87 -15.97 -5.38
CA VAL B 400 4.57 -16.35 -4.84
C VAL B 400 4.35 -15.71 -3.47
N ARG B 401 5.37 -15.79 -2.60
CA ARG B 401 5.25 -15.18 -1.28
C ARG B 401 4.99 -13.68 -1.38
N ALA B 402 5.72 -13.00 -2.29
CA ALA B 402 5.50 -11.57 -2.48
C ALA B 402 4.08 -11.29 -2.93
N VAL B 403 3.59 -12.05 -3.92
CA VAL B 403 2.23 -11.86 -4.41
C VAL B 403 1.22 -12.19 -3.31
N ASP B 404 1.43 -13.30 -2.60
CA ASP B 404 0.46 -13.75 -1.62
C ASP B 404 0.35 -12.76 -0.45
N LEU B 405 1.49 -12.37 0.13
CA LEU B 405 1.45 -11.46 1.26
C LEU B 405 0.83 -10.12 0.86
N GLU B 406 1.14 -9.64 -0.34
CA GLU B 406 0.52 -8.42 -0.84
C GLU B 406 -0.98 -8.61 -1.03
N ALA B 407 -1.40 -9.79 -1.51
CA ALA B 407 -2.81 -10.07 -1.72
C ALA B 407 -3.53 -10.32 -0.39
N PHE B 408 -2.88 -11.01 0.54
CA PHE B 408 -3.50 -11.29 1.83
C PHE B 408 -3.72 -10.03 2.66
N ALA B 409 -3.02 -8.94 2.33
CA ALA B 409 -3.25 -7.67 3.01
C ALA B 409 -4.54 -7.02 2.57
N ARG B 410 -5.17 -7.51 1.51
CA ARG B 410 -6.44 -6.98 0.99
C ARG B 410 -7.42 -8.11 0.74
N ALA B 411 -7.59 -8.98 1.74
CA ALA B 411 -8.43 -10.16 1.63
C ALA B 411 -9.88 -9.91 1.98
N ASP B 412 -10.25 -8.66 2.31
CA ASP B 412 -11.60 -8.37 2.75
C ASP B 412 -12.51 -7.88 1.63
N ALA B 413 -11.95 -7.43 0.52
CA ALA B 413 -12.75 -6.98 -0.61
C ALA B 413 -13.55 -8.14 -1.17
N PRO B 414 -14.88 -8.06 -1.20
CA PRO B 414 -15.67 -9.17 -1.74
C PRO B 414 -15.30 -9.47 -3.17
N PHE B 415 -15.18 -10.76 -3.49
CA PHE B 415 -14.73 -11.15 -4.83
C PHE B 415 -15.68 -10.65 -5.91
N ASP B 416 -16.98 -10.64 -5.63
CA ASP B 416 -17.92 -10.10 -6.60
C ASP B 416 -17.69 -8.62 -6.82
N ALA B 417 -17.36 -7.88 -5.75
CA ALA B 417 -17.01 -6.47 -5.92
C ALA B 417 -15.71 -6.31 -6.70
N VAL B 418 -14.76 -7.24 -6.53
CA VAL B 418 -13.52 -7.19 -7.29
C VAL B 418 -13.80 -7.43 -8.77
N VAL B 419 -14.73 -8.34 -9.09
CA VAL B 419 -15.09 -8.58 -10.48
C VAL B 419 -15.74 -7.33 -11.07
N ASP B 420 -16.62 -6.68 -10.32
CA ASP B 420 -17.27 -5.47 -10.80
C ASP B 420 -16.27 -4.34 -11.02
N THR B 421 -15.15 -4.35 -10.29
CA THR B 421 -14.16 -3.29 -10.43
C THR B 421 -13.22 -3.54 -11.60
N VAL B 422 -12.80 -4.80 -11.81
CA VAL B 422 -11.93 -5.11 -12.94
C VAL B 422 -12.73 -5.07 -14.24
N LYS B 423 -14.01 -5.38 -14.20
CA LYS B 423 -14.88 -5.40 -15.38
C LYS B 423 -14.30 -6.26 -16.50
N PRO B 424 -14.12 -7.55 -16.27
CA PRO B 424 -13.58 -8.42 -17.32
C PRO B 424 -14.66 -8.78 -18.33
N PRO B 425 -14.29 -9.25 -19.52
CA PRO B 425 -15.31 -9.73 -20.46
C PRO B 425 -16.08 -10.91 -19.89
N ARG B 426 -17.33 -10.68 -19.50
CA ARG B 426 -18.12 -11.69 -18.83
C ARG B 426 -18.54 -12.80 -19.80
N ALA B 427 -18.76 -13.99 -19.24
CA ALA B 427 -19.22 -15.13 -20.00
C ALA B 427 -19.68 -16.19 -19.02
N VAL B 428 -20.92 -16.66 -19.19
CA VAL B 428 -21.45 -17.72 -18.35
C VAL B 428 -20.76 -19.06 -18.60
N SER B 429 -19.99 -19.17 -19.68
CA SER B 429 -19.27 -20.40 -19.96
C SER B 429 -18.04 -20.58 -19.07
N ARG B 430 -17.59 -19.54 -18.38
CA ARG B 430 -16.35 -19.62 -17.63
C ARG B 430 -16.43 -18.70 -16.41
N HIS B 431 -15.69 -19.07 -15.39
CA HIS B 431 -15.64 -18.25 -14.19
C HIS B 431 -14.75 -17.03 -14.43
N PRO B 432 -15.14 -15.84 -13.96
CA PRO B 432 -14.36 -14.64 -14.24
C PRO B 432 -13.06 -14.59 -13.45
N LEU B 433 -12.05 -13.98 -14.09
CA LEU B 433 -10.73 -13.66 -13.52
C LEU B 433 -9.85 -14.87 -13.31
N PHE B 434 -10.42 -16.05 -13.05
CA PHE B 434 -9.63 -17.26 -12.97
C PHE B 434 -10.55 -18.45 -13.18
N GLN B 435 -9.96 -19.54 -13.64
CA GLN B 435 -10.67 -20.80 -13.82
C GLN B 435 -10.02 -21.97 -13.10
N THR B 436 -8.84 -21.76 -12.52
CA THR B 436 -8.15 -22.76 -11.73
C THR B 436 -8.01 -22.23 -10.31
N MET B 437 -8.46 -23.01 -9.34
CA MET B 437 -8.36 -22.66 -7.93
C MET B 437 -7.43 -23.64 -7.21
N VAL B 438 -6.59 -23.11 -6.34
CA VAL B 438 -5.68 -23.91 -5.53
C VAL B 438 -5.92 -23.57 -4.07
N SER B 439 -5.92 -24.59 -3.21
CA SER B 439 -6.21 -24.37 -1.80
C SER B 439 -5.45 -25.38 -0.96
N TYR B 440 -5.29 -25.01 0.32
CA TYR B 440 -4.68 -25.89 1.33
C TYR B 440 -5.68 -26.04 2.47
N GLN B 441 -6.05 -27.28 2.78
CA GLN B 441 -7.07 -27.56 3.77
C GLN B 441 -6.57 -28.57 4.79
N ARG B 442 -6.98 -28.39 6.04
CA ARG B 442 -6.73 -29.34 7.12
C ARG B 442 -8.05 -29.83 7.65
N ARG B 443 -8.28 -31.13 7.57
CA ARG B 443 -9.49 -31.73 8.10
C ARG B 443 -9.43 -31.79 9.63
N PRO B 444 -10.58 -31.92 10.30
CA PRO B 444 -10.57 -31.89 11.77
C PRO B 444 -9.77 -33.04 12.36
N SER B 445 -9.04 -32.73 13.43
CA SER B 445 -8.33 -33.73 14.21
C SER B 445 -9.13 -34.08 15.46
N ASP B 446 -8.79 -35.22 16.05
CA ASP B 446 -9.46 -35.70 17.26
C ASP B 446 -10.97 -35.80 17.06
N VAL B 447 -11.35 -36.52 16.01
CA VAL B 447 -12.76 -36.80 15.73
C VAL B 447 -12.91 -38.30 15.54
N ASP B 448 -12.24 -39.08 16.40
CA ASP B 448 -12.23 -40.53 16.31
C ASP B 448 -13.13 -41.21 17.34
N ARG B 449 -13.65 -40.46 18.32
CA ARG B 449 -14.42 -41.03 19.41
C ARG B 449 -15.71 -40.25 19.63
N LEU B 450 -16.36 -39.83 18.54
CA LEU B 450 -17.60 -39.08 18.66
C LEU B 450 -18.78 -40.01 18.87
N PHE B 451 -19.82 -39.49 19.53
CA PHE B 451 -21.06 -40.21 19.81
C PHE B 451 -20.81 -41.51 20.57
N GLY B 452 -19.79 -41.53 21.42
CA GLY B 452 -19.49 -42.71 22.21
C GLY B 452 -19.20 -43.94 21.37
N ALA B 453 -18.59 -43.77 20.20
CA ALA B 453 -18.27 -44.89 19.32
C ALA B 453 -16.96 -44.59 18.61
N ALA B 454 -16.61 -45.44 17.66
CA ALA B 454 -15.41 -45.26 16.84
C ALA B 454 -15.80 -44.56 15.54
N THR B 455 -15.24 -43.38 15.30
CA THR B 455 -15.60 -42.58 14.14
C THR B 455 -14.36 -42.23 13.32
N ARG B 456 -14.60 -42.00 12.03
CA ARG B 456 -13.55 -41.59 11.12
C ARG B 456 -14.17 -40.79 9.98
N LEU B 457 -13.39 -39.87 9.42
CA LEU B 457 -13.88 -39.05 8.33
C LEU B 457 -13.93 -39.86 7.04
N VAL B 458 -15.07 -39.83 6.36
CA VAL B 458 -15.28 -40.52 5.10
C VAL B 458 -15.36 -39.47 4.00
N GLU B 459 -14.57 -39.65 2.95
CA GLU B 459 -14.52 -38.69 1.86
C GLU B 459 -15.67 -38.94 0.89
N VAL B 460 -16.31 -37.86 0.45
CA VAL B 460 -17.45 -37.92 -0.46
C VAL B 460 -16.94 -37.64 -1.87
N PRO B 461 -17.08 -38.56 -2.81
CA PRO B 461 -16.76 -38.25 -4.20
C PRO B 461 -17.73 -37.20 -4.74
N LEU B 462 -17.22 -36.32 -5.59
CA LEU B 462 -18.01 -35.19 -6.09
C LEU B 462 -18.41 -35.45 -7.53
N ASP B 463 -19.69 -35.19 -7.84
CA ASP B 463 -20.20 -35.23 -9.20
C ASP B 463 -20.35 -33.84 -9.80
N THR B 464 -19.84 -32.82 -9.13
CA THR B 464 -19.97 -31.43 -9.57
C THR B 464 -18.60 -30.76 -9.54
N ALA B 465 -18.53 -29.58 -10.16
CA ALA B 465 -17.32 -28.79 -10.18
C ALA B 465 -17.68 -27.31 -10.26
N LYS B 466 -16.93 -26.49 -9.51
CA LYS B 466 -17.21 -25.07 -9.46
C LYS B 466 -16.44 -24.28 -10.52
N PHE B 467 -15.27 -24.75 -10.91
CA PHE B 467 -14.45 -24.05 -11.90
C PHE B 467 -13.98 -25.03 -12.96
N ASP B 468 -13.02 -24.62 -13.80
CA ASP B 468 -12.42 -25.56 -14.73
C ASP B 468 -11.59 -26.60 -13.98
N LEU B 469 -10.71 -26.15 -13.10
CA LEU B 469 -9.89 -27.03 -12.27
C LEU B 469 -9.81 -26.47 -10.87
N GLU B 470 -9.88 -27.35 -9.87
CA GLU B 470 -9.73 -26.97 -8.47
C GLU B 470 -8.78 -27.96 -7.81
N PHE B 471 -7.55 -27.52 -7.54
CA PHE B 471 -6.56 -28.34 -6.85
C PHE B 471 -6.63 -28.07 -5.36
N ALA B 472 -6.67 -29.14 -4.56
CA ALA B 472 -6.74 -29.01 -3.11
C ALA B 472 -5.70 -29.93 -2.48
N PHE B 473 -4.74 -29.34 -1.79
CA PHE B 473 -3.83 -30.07 -0.91
C PHE B 473 -4.54 -30.26 0.42
N ILE B 474 -5.01 -31.48 0.67
CA ILE B 474 -5.86 -31.77 1.82
C ILE B 474 -5.09 -32.65 2.79
N GLU B 475 -4.97 -32.19 4.03
CA GLU B 475 -4.40 -32.96 5.11
C GLU B 475 -5.51 -33.49 6.00
N ASP B 476 -5.28 -34.65 6.62
CA ASP B 476 -6.23 -35.22 7.56
C ASP B 476 -5.50 -36.12 8.54
N GLY B 477 -5.71 -35.88 9.83
CA GLY B 477 -5.12 -36.70 10.87
C GLY B 477 -6.07 -37.77 11.36
N GLY B 480 -2.68 -38.03 7.28
CA GLY B 480 -2.01 -38.05 5.99
C GLY B 480 -2.28 -36.81 5.16
N ALA B 481 -2.02 -36.90 3.86
CA ALA B 481 -2.23 -35.77 2.96
C ALA B 481 -2.38 -36.31 1.54
N HIS B 482 -3.25 -35.66 0.76
CA HIS B 482 -3.46 -36.04 -0.62
C HIS B 482 -3.85 -34.79 -1.42
N ILE B 483 -3.65 -34.88 -2.73
CA ILE B 483 -4.04 -33.82 -3.66
C ILE B 483 -5.35 -34.23 -4.32
N ALA B 484 -6.35 -33.38 -4.20
CA ALA B 484 -7.64 -33.59 -4.84
C ALA B 484 -7.81 -32.59 -5.97
N LEU B 485 -8.26 -33.08 -7.12
CA LEU B 485 -8.54 -32.23 -8.27
C LEU B 485 -10.02 -32.33 -8.61
N ASN B 486 -10.77 -31.28 -8.30
CA ASN B 486 -12.14 -31.14 -8.76
C ASN B 486 -12.10 -30.51 -10.14
N TYR B 487 -12.38 -31.30 -11.17
CA TYR B 487 -12.30 -30.85 -12.55
C TYR B 487 -13.69 -30.78 -13.17
N ALA B 488 -13.85 -29.84 -14.11
CA ALA B 488 -15.09 -29.71 -14.85
C ALA B 488 -15.20 -30.83 -15.88
N ALA B 489 -16.23 -31.68 -15.74
CA ALA B 489 -16.40 -32.79 -16.65
C ALA B 489 -16.70 -32.35 -18.08
N ASP B 490 -17.19 -31.12 -18.27
CA ASP B 490 -17.43 -30.60 -19.61
C ASP B 490 -16.13 -30.50 -20.41
N LEU B 491 -15.01 -30.23 -19.73
CA LEU B 491 -13.76 -29.92 -20.40
C LEU B 491 -12.74 -31.06 -20.37
N PHE B 492 -12.72 -31.87 -19.30
CA PHE B 492 -11.70 -32.87 -19.13
C PHE B 492 -12.32 -34.24 -18.90
N ASP B 493 -11.74 -35.26 -19.54
CA ASP B 493 -12.06 -36.63 -19.19
C ASP B 493 -11.37 -37.00 -17.88
N HIS B 494 -11.83 -38.09 -17.27
CA HIS B 494 -11.25 -38.51 -16.00
C HIS B 494 -9.78 -38.86 -16.13
N ASP B 495 -9.40 -39.53 -17.22
CA ASP B 495 -8.01 -39.91 -17.41
C ASP B 495 -7.11 -38.68 -17.56
N SER B 496 -7.63 -37.62 -18.17
CA SER B 496 -6.85 -36.39 -18.29
C SER B 496 -6.61 -35.76 -16.92
N ALA B 497 -7.62 -35.78 -16.06
CA ALA B 497 -7.48 -35.19 -14.74
C ALA B 497 -6.49 -35.98 -13.88
N GLU B 498 -6.56 -37.31 -13.93
CA GLU B 498 -5.61 -38.13 -13.20
C GLU B 498 -4.18 -37.87 -13.67
N GLN B 499 -3.99 -37.65 -14.98
CA GLN B 499 -2.68 -37.29 -15.48
C GLN B 499 -2.26 -35.91 -14.99
N LEU B 500 -3.23 -35.01 -14.75
CA LEU B 500 -2.91 -33.67 -14.30
C LEU B 500 -2.39 -33.67 -12.87
N VAL B 501 -3.02 -34.44 -11.99
CA VAL B 501 -2.54 -34.51 -10.61
C VAL B 501 -1.21 -35.26 -10.54
N ALA B 502 -1.06 -36.32 -11.34
CA ALA B 502 0.20 -37.03 -11.37
C ALA B 502 1.33 -36.13 -11.86
N ARG B 503 1.04 -35.24 -12.81
CA ARG B 503 2.03 -34.26 -13.23
C ARG B 503 2.28 -33.22 -12.14
N LEU B 504 1.27 -32.92 -11.32
CA LEU B 504 1.47 -31.98 -10.22
C LEU B 504 2.36 -32.57 -9.14
N ARG B 505 2.21 -33.87 -8.86
CA ARG B 505 3.08 -34.52 -7.90
C ARG B 505 4.52 -34.57 -8.40
N THR B 506 4.70 -34.75 -9.71
CA THR B 506 6.04 -34.76 -10.29
C THR B 506 6.70 -33.38 -10.16
N VAL B 507 5.91 -32.31 -10.31
CA VAL B 507 6.46 -30.97 -10.10
C VAL B 507 6.88 -30.79 -8.65
N LEU B 508 6.09 -31.32 -7.72
CA LEU B 508 6.45 -31.22 -6.30
C LEU B 508 7.69 -32.04 -5.98
N GLU B 509 7.80 -33.24 -6.56
CA GLU B 509 8.98 -34.08 -6.32
C GLU B 509 10.23 -33.43 -6.87
N HIS B 510 10.15 -32.86 -8.08
CA HIS B 510 11.30 -32.19 -8.67
C HIS B 510 11.67 -30.94 -7.89
N ALA B 511 10.67 -30.20 -7.40
CA ALA B 511 10.95 -28.98 -6.65
C ALA B 511 11.66 -29.29 -5.33
N CYS B 512 11.24 -30.37 -4.65
CA CYS B 512 11.87 -30.74 -3.39
C CYS B 512 13.32 -31.15 -3.59
N ALA B 513 13.56 -32.01 -4.58
CA ALA B 513 14.92 -32.51 -4.82
C ALA B 513 15.86 -31.39 -5.24
N ASP B 514 15.38 -30.47 -6.08
CA ASP B 514 16.22 -29.39 -6.60
C ASP B 514 15.34 -28.18 -6.87
N PRO B 515 15.31 -27.20 -5.98
CA PRO B 515 14.55 -25.98 -6.25
C PRO B 515 15.30 -24.94 -7.06
N CYS B 516 16.58 -25.19 -7.35
CA CYS B 516 17.39 -24.27 -8.14
C CYS B 516 17.29 -24.55 -9.63
N ARG B 517 16.43 -25.48 -10.05
CA ARG B 517 16.34 -25.67 -11.49
C ARG B 517 15.11 -24.98 -12.05
N PRO B 518 15.19 -24.47 -13.28
CA PRO B 518 14.14 -23.59 -13.81
C PRO B 518 12.79 -24.29 -13.90
N VAL B 519 11.76 -23.47 -14.09
CA VAL B 519 10.40 -23.97 -14.19
C VAL B 519 10.20 -24.75 -15.48
N ALA B 520 10.88 -24.36 -16.55
CA ALA B 520 10.85 -25.06 -17.83
C ALA B 520 9.43 -25.27 -18.36
O01 YCK C . -26.32 17.52 27.97
C02 YCK C . -26.01 16.58 27.31
N03 YCK C . -26.73 15.31 27.47
C04 YCK C . -27.79 15.25 28.46
C05 YCK C . -29.18 15.49 27.79
N06 YCK C . -30.19 15.27 28.83
C07 YCK C . -30.60 13.89 29.10
C08 YCK C . -31.65 13.62 30.19
N09 YCK C . -31.67 12.20 30.45
C10 YCK C . -31.26 14.41 31.43
C11 YCK C . -31.65 13.71 32.76
C12 YCK C . -30.60 14.05 33.91
C13 YCK C . -33.10 14.09 33.18
O14 YCK C . -30.13 13.00 28.49
C15 YCK C . -24.88 16.69 26.28
C16 YCK C . -24.62 18.16 25.83
N17 YCK C . -23.27 18.21 25.27
C18 YCK C . -23.08 17.93 23.84
C19 YCK C . -21.65 17.98 23.27
O20 YCK C . -20.80 18.00 24.31
C21 YCK C . -21.42 19.30 22.41
C22 YCK C . -19.88 19.47 22.15
O23 YCK C . -19.73 20.46 21.14
P24 YCK C . -18.21 20.90 20.73
O25 YCK C . -17.30 20.78 21.93
O26 YCK C . -18.26 22.36 20.26
C28 YCK C . -22.15 19.18 21.06
C29 YCK C . -21.96 20.57 23.20
O30 YCK C . -24.01 17.65 23.15
O01 YCK D . 15.96 -4.64 37.32
C02 YCK D . 16.05 -4.01 36.31
N03 YCK D . 16.72 -2.72 36.32
C04 YCK D . 17.24 -2.25 37.59
C05 YCK D . 18.76 -2.53 37.74
N06 YCK D . 19.25 -1.72 38.85
C07 YCK D . 19.62 -0.33 38.55
C08 YCK D . 20.13 0.61 39.65
N09 YCK D . 20.68 1.77 39.03
C10 YCK D . 18.93 1.05 40.49
C11 YCK D . 19.05 0.74 42.00
C12 YCK D . 20.38 1.36 42.62
C13 YCK D . 17.81 1.28 42.74
O14 YCK D . 19.53 0.07 37.44
C15 YCK D . 15.48 -4.57 35.01
C16 YCK D . 15.26 -6.11 35.10
N17 YCK D . 14.20 -6.48 34.18
C18 YCK D . 14.55 -6.75 32.76
C19 YCK D . 13.43 -7.14 31.77
O20 YCK D . 12.24 -6.82 32.30
C21 YCK D . 13.45 -8.71 31.49
C22 YCK D . 12.15 -9.07 30.68
O23 YCK D . 12.16 -10.49 30.48
P24 YCK D . 10.98 -11.11 29.55
O25 YCK D . 9.64 -10.52 29.97
O26 YCK D . 10.96 -12.60 29.75
C28 YCK D . 14.68 -9.11 30.68
C29 YCK D . 13.43 -9.49 32.87
O30 YCK D . 15.68 -6.66 32.41
#